data_3OGX
#
_entry.id   3OGX
#
_cell.length_a   88.422
_cell.length_b   101.761
_cell.length_c   162.841
_cell.angle_alpha   90.00
_cell.angle_beta   90.00
_cell.angle_gamma   90.00
#
_symmetry.space_group_name_H-M   'I 2 2 2'
#
loop_
_entity.id
_entity.type
_entity.pdbx_description
1 polymer 'Peptidoglycan recognition protein 1'
2 branched '4-deoxy-2-O-sulfo-alpha-L-threo-hex-4-enopyranuronic acid-(1-4)-2-deoxy-6-O-sulfo-2-(sulfoamino)-alpha-D-glucopyranose'
3 non-polymer GLYCEROL
4 non-polymer 'L(+)-TARTARIC ACID'
5 water water
#
_entity_poly.entity_id   1
_entity_poly.type   'polypeptide(L)'
_entity_poly.pdbx_seq_one_letter_code
;EDPPACGSIVPRREWRALASECRERLTRPVRYVVVSHTAGSHCDTPASCAQQAQNVQSYHVRNLGWCDVGYNFLIGEDGL
VYEGRGWNIKGAHAGPTWNPISIGISFMGNYMNRVPPPRALRAAQNLLACGVALGALRSNYEVKGHRDVQPTLSPGDRLY
EIIQTWSHYRA
;
_entity_poly.pdbx_strand_id   A,B,C,D
#
loop_
_chem_comp.id
_chem_comp.type
_chem_comp.name
_chem_comp.formula
GOL non-polymer GLYCEROL 'C3 H8 O3'
SGN D-saccharide, alpha linking 2-deoxy-6-O-sulfo-2-(sulfoamino)-alpha-D-glucopyranose 'C6 H13 N O11 S2'
TLA non-polymer 'L(+)-TARTARIC ACID' 'C4 H6 O6'
UAP L-saccharide, alpha linking '4-deoxy-2-O-sulfo-alpha-L-threo-hex-4-enopyranuronic acid' 'C6 H8 O9 S'
#
# COMPACT_ATOMS: atom_id res chain seq x y z
N GLU A 1 -11.05 13.60 -8.97
CA GLU A 1 -10.06 13.57 -10.08
C GLU A 1 -10.24 12.33 -10.97
N ASP A 2 -10.45 11.18 -10.34
CA ASP A 2 -10.51 9.90 -11.05
C ASP A 2 -11.93 9.33 -11.18
N PRO A 3 -12.21 8.65 -12.31
CA PRO A 3 -13.54 8.12 -12.68
C PRO A 3 -14.27 7.20 -11.68
N PRO A 4 -13.58 6.17 -11.12
CA PRO A 4 -14.38 5.20 -10.35
C PRO A 4 -14.96 5.75 -9.05
N ALA A 5 -16.25 6.09 -9.10
CA ALA A 5 -17.02 6.45 -7.90
C ALA A 5 -16.95 5.26 -6.96
N CYS A 6 -16.67 5.52 -5.68
CA CYS A 6 -16.16 4.44 -4.84
C CYS A 6 -16.93 4.01 -3.60
N GLY A 7 -16.78 2.71 -3.31
CA GLY A 7 -17.27 1.99 -2.16
C GLY A 7 -18.73 2.20 -1.92
N SER A 8 -19.08 2.14 -0.65
CA SER A 8 -20.44 2.33 -0.26
C SER A 8 -20.43 3.09 1.04
N ILE A 9 -20.94 4.31 0.95
CA ILE A 9 -21.02 5.19 2.08
C ILE A 9 -22.45 5.63 2.28
N VAL A 10 -22.88 5.59 3.53
CA VAL A 10 -24.21 6.02 3.87
C VAL A 10 -24.03 7.53 3.88
N PRO A 11 -24.72 8.24 2.97
CA PRO A 11 -24.59 9.70 2.91
C PRO A 11 -25.22 10.39 4.11
N ARG A 12 -24.79 11.62 4.36
CA ARG A 12 -25.29 12.40 5.47
C ARG A 12 -26.81 12.45 5.53
N ARG A 13 -27.47 12.76 4.41
CA ARG A 13 -28.93 12.84 4.42
C ARG A 13 -29.55 11.54 4.88
N GLU A 14 -28.90 10.42 4.60
CA GLU A 14 -29.46 9.13 5.00
C GLU A 14 -29.39 8.87 6.49
N TRP A 15 -28.30 9.22 7.16
CA TRP A 15 -28.32 8.97 8.59
C TRP A 15 -28.85 10.17 9.35
N ARG A 16 -29.49 11.10 8.63
CA ARG A 16 -30.09 12.29 9.21
C ARG A 16 -29.15 13.19 9.96
N ALA A 17 -28.10 13.61 9.26
CA ALA A 17 -27.07 14.47 9.84
C ALA A 17 -27.48 15.93 9.84
N LEU A 18 -27.20 16.60 10.95
CA LEU A 18 -27.45 18.04 11.05
C LEU A 18 -26.46 18.51 10.01
N ALA A 19 -26.72 19.66 9.40
CA ALA A 19 -25.84 20.17 8.36
C ALA A 19 -24.54 20.68 8.91
N SER A 20 -23.48 20.51 8.14
CA SER A 20 -22.18 20.96 8.56
C SER A 20 -22.03 22.48 8.47
N GLU A 21 -21.28 23.06 9.39
CA GLU A 21 -21.04 24.50 9.36
C GLU A 21 -19.54 24.72 9.14
N CYS A 22 -18.86 23.61 8.84
CA CYS A 22 -17.41 23.62 8.60
C CYS A 22 -17.02 24.14 7.21
N ARG A 23 -15.91 24.87 7.11
CA ARG A 23 -15.49 25.35 5.80
C ARG A 23 -14.03 25.11 5.41
N GLU A 24 -13.11 24.87 6.36
CA GLU A 24 -11.73 24.65 5.96
C GLU A 24 -11.45 23.30 5.29
N ARG A 25 -10.64 23.35 4.24
CA ARG A 25 -10.31 22.16 3.46
C ARG A 25 -8.94 21.57 3.73
N LEU A 26 -8.78 20.31 3.31
CA LEU A 26 -7.52 19.60 3.44
C LEU A 26 -6.87 19.72 2.09
N THR A 27 -5.55 19.60 2.04
CA THR A 27 -4.92 19.67 0.74
C THR A 27 -4.91 18.22 0.29
N ARG A 28 -5.45 17.97 -0.90
CA ARG A 28 -5.47 16.63 -1.48
C ARG A 28 -4.13 16.58 -2.19
N PRO A 29 -3.46 15.43 -2.20
CA PRO A 29 -3.87 14.18 -1.58
C PRO A 29 -3.34 14.16 -0.15
N VAL A 30 -4.10 13.57 0.75
CA VAL A 30 -3.70 13.48 2.15
C VAL A 30 -2.79 12.28 2.39
N ARG A 31 -1.83 12.47 3.28
CA ARG A 31 -0.81 11.48 3.61
C ARG A 31 -1.09 10.59 4.81
N TYR A 32 -1.91 11.06 5.75
CA TYR A 32 -2.17 10.29 6.96
C TYR A 32 -3.61 9.95 7.30
N VAL A 33 -3.80 8.78 7.89
CA VAL A 33 -5.11 8.35 8.36
C VAL A 33 -4.95 7.93 9.81
N VAL A 34 -5.72 8.56 10.68
CA VAL A 34 -5.67 8.26 12.09
C VAL A 34 -6.93 7.51 12.45
N VAL A 35 -6.75 6.33 13.02
CA VAL A 35 -7.87 5.47 13.38
C VAL A 35 -8.21 5.56 14.86
N SER A 36 -9.49 5.77 15.15
CA SER A 36 -9.97 5.94 16.50
C SER A 36 -11.26 5.16 16.75
N HIS A 37 -11.72 5.17 18.00
CA HIS A 37 -12.99 4.56 18.32
C HIS A 37 -13.75 5.64 19.06
N THR A 38 -15.08 5.57 19.00
CA THR A 38 -15.92 6.57 19.65
C THR A 38 -15.95 6.32 21.14
N ALA A 39 -15.53 5.11 21.51
CA ALA A 39 -15.48 4.71 22.91
C ALA A 39 -16.88 4.81 23.45
N GLY A 40 -17.84 4.88 22.53
CA GLY A 40 -19.23 4.97 22.89
C GLY A 40 -19.92 3.64 22.62
N SER A 41 -21.25 3.64 22.57
CA SER A 41 -22.00 2.41 22.34
C SER A 41 -21.85 1.89 20.91
N HIS A 42 -21.84 0.57 20.74
CA HIS A 42 -21.77 0.05 19.40
C HIS A 42 -23.19 -0.26 18.91
N CYS A 43 -23.28 -0.61 17.64
CA CYS A 43 -24.55 -0.90 16.99
C CYS A 43 -24.17 -1.87 15.89
N ASP A 44 -25.09 -2.76 15.51
CA ASP A 44 -24.77 -3.70 14.45
C ASP A 44 -25.85 -3.80 13.40
N THR A 45 -26.69 -2.77 13.28
CA THR A 45 -27.74 -2.77 12.26
C THR A 45 -27.69 -1.46 11.51
N PRO A 46 -28.17 -1.44 10.26
CA PRO A 46 -28.13 -0.18 9.52
C PRO A 46 -28.96 0.86 10.29
N ALA A 47 -29.95 0.36 11.01
CA ALA A 47 -30.86 1.18 11.82
C ALA A 47 -30.19 1.74 13.06
N SER A 48 -29.70 0.88 13.93
CA SER A 48 -29.06 1.39 15.14
C SER A 48 -27.85 2.23 14.79
N CYS A 49 -27.10 1.77 13.80
CA CYS A 49 -25.89 2.47 13.42
C CYS A 49 -26.10 3.86 12.82
N ALA A 50 -27.29 4.14 12.31
CA ALA A 50 -27.57 5.46 11.75
C ALA A 50 -27.83 6.35 12.96
N GLN A 51 -28.53 5.78 13.92
CA GLN A 51 -28.86 6.47 15.15
C GLN A 51 -27.55 6.92 15.76
N GLN A 52 -26.69 5.95 16.01
CA GLN A 52 -25.38 6.14 16.59
C GLN A 52 -24.57 7.25 15.95
N ALA A 53 -24.37 7.16 14.64
CA ALA A 53 -23.62 8.17 13.91
C ALA A 53 -24.26 9.54 14.17
N GLN A 54 -25.54 9.51 14.53
CA GLN A 54 -26.28 10.73 14.82
C GLN A 54 -26.01 11.24 16.24
N ASN A 55 -25.90 10.30 17.18
CA ASN A 55 -25.67 10.65 18.59
C ASN A 55 -24.27 11.20 18.73
N VAL A 56 -23.37 10.71 17.90
CA VAL A 56 -22.00 11.17 17.96
C VAL A 56 -21.89 12.52 17.25
N GLN A 57 -22.48 12.68 16.07
CA GLN A 57 -22.40 14.00 15.45
C GLN A 57 -22.95 14.96 16.50
N SER A 58 -24.10 14.60 17.06
CA SER A 58 -24.78 15.40 18.07
C SER A 58 -23.86 15.89 19.20
N TYR A 59 -23.32 14.97 19.99
CA TYR A 59 -22.42 15.32 21.10
C TYR A 59 -21.31 16.28 20.69
N HIS A 60 -20.87 16.19 19.43
CA HIS A 60 -19.80 17.02 18.89
C HIS A 60 -20.24 18.43 18.56
N VAL A 61 -21.45 18.53 18.01
CA VAL A 61 -21.98 19.82 17.64
C VAL A 61 -22.70 20.49 18.80
N ARG A 62 -23.62 19.76 19.44
CA ARG A 62 -24.38 20.34 20.53
C ARG A 62 -23.57 20.47 21.83
N ASN A 63 -22.67 19.53 22.13
CA ASN A 63 -21.90 19.64 23.38
C ASN A 63 -20.48 20.18 23.33
N LEU A 64 -19.79 20.06 22.21
CA LEU A 64 -18.42 20.56 22.15
C LEU A 64 -18.30 21.73 21.18
N GLY A 65 -19.44 22.13 20.60
CA GLY A 65 -19.47 23.24 19.67
C GLY A 65 -18.68 23.12 18.39
N TRP A 66 -18.57 21.92 17.84
CA TRP A 66 -17.83 21.75 16.61
C TRP A 66 -18.80 21.97 15.44
N CYS A 67 -18.25 22.36 14.30
CA CYS A 67 -19.01 22.66 13.10
C CYS A 67 -19.69 21.45 12.50
N ASP A 68 -19.36 20.26 13.00
CA ASP A 68 -19.96 19.03 12.50
C ASP A 68 -19.31 17.89 13.24
N VAL A 69 -19.81 16.68 13.04
CA VAL A 69 -19.25 15.49 13.66
C VAL A 69 -17.74 15.59 13.37
N GLY A 70 -16.91 15.32 14.39
CA GLY A 70 -15.48 15.44 14.22
C GLY A 70 -14.68 14.59 13.24
N TYR A 71 -15.16 13.40 12.90
CA TYR A 71 -14.42 12.49 12.01
C TYR A 71 -14.78 12.68 10.56
N ASN A 72 -13.89 12.27 9.66
CA ASN A 72 -14.17 12.38 8.25
C ASN A 72 -15.12 11.25 7.84
N PHE A 73 -15.04 10.14 8.58
CA PHE A 73 -15.88 8.95 8.37
C PHE A 73 -16.00 8.12 9.64
N LEU A 74 -17.14 7.44 9.80
CA LEU A 74 -17.34 6.56 10.95
C LEU A 74 -17.64 5.16 10.40
N ILE A 75 -17.38 4.14 11.20
CA ILE A 75 -17.61 2.76 10.77
C ILE A 75 -18.54 2.05 11.72
N GLY A 76 -19.56 1.38 11.17
CA GLY A 76 -20.50 0.65 12.00
C GLY A 76 -20.21 -0.84 12.02
N GLU A 77 -20.64 -1.51 13.09
CA GLU A 77 -20.43 -2.96 13.20
C GLU A 77 -21.46 -3.62 12.30
N ASP A 78 -22.30 -2.81 11.68
CA ASP A 78 -23.27 -3.32 10.72
C ASP A 78 -22.43 -3.48 9.45
N GLY A 79 -21.15 -3.16 9.59
CA GLY A 79 -20.24 -3.27 8.49
C GLY A 79 -20.47 -2.21 7.43
N LEU A 80 -21.03 -1.08 7.83
CA LEU A 80 -21.28 -0.02 6.89
C LEU A 80 -20.44 1.21 7.19
N VAL A 81 -20.16 2.02 6.16
CA VAL A 81 -19.37 3.22 6.35
C VAL A 81 -20.29 4.43 6.40
N TYR A 82 -20.11 5.27 7.41
CA TYR A 82 -20.93 6.44 7.58
C TYR A 82 -20.22 7.70 7.17
N GLU A 83 -20.96 8.62 6.56
CA GLU A 83 -20.34 9.84 6.12
C GLU A 83 -20.26 10.96 7.14
N GLY A 84 -19.05 11.49 7.28
CA GLY A 84 -18.82 12.59 8.19
C GLY A 84 -18.42 13.80 7.37
N ARG A 85 -17.32 14.43 7.75
CA ARG A 85 -16.86 15.59 7.05
C ARG A 85 -16.45 15.23 5.64
N GLY A 86 -16.26 13.94 5.41
CA GLY A 86 -15.86 13.46 4.10
C GLY A 86 -14.39 13.65 3.77
N TRP A 87 -14.07 13.45 2.50
CA TRP A 87 -12.70 13.55 1.99
C TRP A 87 -12.05 14.92 1.94
N ASN A 88 -12.83 15.96 1.64
CA ASN A 88 -12.27 17.30 1.47
C ASN A 88 -12.20 18.29 2.63
N ILE A 89 -12.98 18.06 3.68
CA ILE A 89 -13.04 18.94 4.85
C ILE A 89 -12.14 18.54 6.03
N LYS A 90 -11.48 19.48 6.65
CA LYS A 90 -10.67 19.19 7.79
C LYS A 90 -11.50 18.77 8.95
N GLY A 91 -11.03 17.81 9.73
CA GLY A 91 -11.77 17.23 10.82
C GLY A 91 -11.27 17.62 12.16
N ALA A 92 -12.01 17.32 13.20
CA ALA A 92 -11.54 17.56 14.57
C ALA A 92 -11.55 16.24 15.30
N HIS A 93 -10.43 15.53 15.24
CA HIS A 93 -10.35 14.23 15.87
C HIS A 93 -8.97 13.88 16.45
N ALA A 94 -7.93 14.58 16.00
CA ALA A 94 -6.58 14.28 16.48
C ALA A 94 -5.70 15.48 16.85
N GLY A 95 -6.29 16.50 17.46
CA GLY A 95 -5.48 17.65 17.86
C GLY A 95 -5.08 18.61 16.76
N PRO A 96 -4.49 19.77 17.10
CA PRO A 96 -4.12 20.70 16.04
C PRO A 96 -2.96 20.37 15.11
N THR A 97 -2.03 19.50 15.51
CA THR A 97 -0.95 19.19 14.60
C THR A 97 -1.45 18.27 13.51
N TRP A 98 -2.23 17.28 13.92
CA TRP A 98 -2.74 16.29 12.99
C TRP A 98 -4.04 16.55 12.26
N ASN A 99 -4.98 17.30 12.85
CA ASN A 99 -6.23 17.53 12.13
C ASN A 99 -6.03 18.19 10.75
N PRO A 100 -5.02 19.06 10.61
CA PRO A 100 -4.85 19.67 9.30
C PRO A 100 -4.22 18.77 8.22
N ILE A 101 -3.58 17.67 8.62
CA ILE A 101 -2.95 16.80 7.63
C ILE A 101 -3.39 15.35 7.56
N SER A 102 -4.56 15.03 8.09
CA SER A 102 -4.99 13.64 8.02
C SER A 102 -6.50 13.45 7.90
N ILE A 103 -6.86 12.20 7.62
CA ILE A 103 -8.26 11.79 7.54
C ILE A 103 -8.45 10.98 8.80
N GLY A 104 -9.50 11.29 9.55
CA GLY A 104 -9.74 10.53 10.76
C GLY A 104 -10.96 9.67 10.56
N ILE A 105 -10.84 8.37 10.86
CA ILE A 105 -11.97 7.47 10.75
C ILE A 105 -12.09 6.85 12.12
N SER A 106 -13.32 6.77 12.62
CA SER A 106 -13.57 6.22 13.94
C SER A 106 -14.56 5.06 13.90
N PHE A 107 -14.19 3.95 14.53
CA PHE A 107 -15.07 2.78 14.63
C PHE A 107 -16.02 3.10 15.78
N MET A 108 -17.32 2.91 15.55
CA MET A 108 -18.31 3.21 16.56
C MET A 108 -18.45 2.09 17.58
N GLY A 109 -17.83 2.29 18.74
CA GLY A 109 -17.88 1.32 19.81
C GLY A 109 -16.69 1.61 20.69
N ASN A 110 -16.41 0.73 21.63
CA ASN A 110 -15.26 0.87 22.50
C ASN A 110 -14.49 -0.44 22.40
N TYR A 111 -13.40 -0.40 21.66
CA TYR A 111 -12.63 -1.60 21.44
C TYR A 111 -11.48 -1.90 22.41
N MET A 112 -11.73 -1.61 23.68
CA MET A 112 -10.76 -1.88 24.74
C MET A 112 -10.75 -3.40 24.99
N ASN A 113 -11.93 -4.03 24.95
CA ASN A 113 -12.09 -5.48 25.15
C ASN A 113 -12.92 -6.16 24.07
N ARG A 114 -13.01 -5.58 22.88
CA ARG A 114 -13.80 -6.20 21.83
C ARG A 114 -13.10 -5.99 20.51
N VAL A 115 -13.20 -6.94 19.61
CA VAL A 115 -12.59 -6.71 18.32
C VAL A 115 -13.78 -6.38 17.43
N PRO A 116 -13.61 -5.45 16.50
CA PRO A 116 -14.77 -5.17 15.66
C PRO A 116 -14.89 -6.31 14.65
N PRO A 117 -16.11 -6.68 14.27
CA PRO A 117 -16.27 -7.77 13.30
C PRO A 117 -15.65 -7.48 11.93
N PRO A 118 -15.28 -8.55 11.21
CA PRO A 118 -14.66 -8.50 9.88
C PRO A 118 -15.30 -7.55 8.88
N ARG A 119 -16.62 -7.41 8.93
CA ARG A 119 -17.25 -6.50 7.98
C ARG A 119 -16.87 -5.07 8.33
N ALA A 120 -16.74 -4.78 9.62
CA ALA A 120 -16.36 -3.45 10.06
C ALA A 120 -14.97 -3.20 9.48
N LEU A 121 -14.05 -4.11 9.82
CA LEU A 121 -12.68 -4.03 9.33
C LEU A 121 -12.61 -3.90 7.82
N ARG A 122 -13.40 -4.70 7.11
CA ARG A 122 -13.44 -4.65 5.66
C ARG A 122 -13.87 -3.28 5.12
N ALA A 123 -14.93 -2.71 5.70
CA ALA A 123 -15.41 -1.40 5.29
C ALA A 123 -14.27 -0.39 5.30
N ALA A 124 -13.62 -0.28 6.45
CA ALA A 124 -12.51 0.64 6.67
C ALA A 124 -11.43 0.53 5.58
N GLN A 125 -10.96 -0.67 5.28
CA GLN A 125 -9.92 -0.85 4.28
C GLN A 125 -10.42 -0.41 2.91
N ASN A 126 -11.60 -0.85 2.52
CA ASN A 126 -12.13 -0.44 1.22
C ASN A 126 -12.19 1.07 1.18
N LEU A 127 -12.63 1.66 2.29
CA LEU A 127 -12.73 3.10 2.39
C LEU A 127 -11.39 3.70 2.00
N LEU A 128 -10.34 3.26 2.67
CA LEU A 128 -9.00 3.77 2.38
C LEU A 128 -8.61 3.52 0.93
N ALA A 129 -8.95 2.34 0.41
CA ALA A 129 -8.65 1.98 -0.98
C ALA A 129 -9.36 2.96 -1.92
N CYS A 130 -10.56 3.30 -1.49
CA CYS A 130 -11.38 4.28 -2.22
C CYS A 130 -10.75 5.66 -2.21
N GLY A 131 -10.20 6.05 -1.05
CA GLY A 131 -9.56 7.30 -0.89
C GLY A 131 -8.42 7.38 -1.88
N VAL A 132 -7.60 6.32 -1.93
CA VAL A 132 -6.50 6.30 -2.87
C VAL A 132 -7.08 6.39 -4.27
N ALA A 133 -7.97 5.46 -4.61
CA ALA A 133 -8.59 5.44 -5.93
C ALA A 133 -9.05 6.82 -6.34
N LEU A 134 -9.73 7.51 -5.43
CA LEU A 134 -10.28 8.83 -5.68
C LEU A 134 -9.25 9.93 -5.86
N GLY A 135 -8.09 9.76 -5.26
CA GLY A 135 -7.07 10.80 -5.36
C GLY A 135 -7.09 11.62 -4.10
N ALA A 136 -7.89 11.17 -3.13
CA ALA A 136 -8.05 11.84 -1.84
C ALA A 136 -6.89 11.53 -0.92
N LEU A 137 -6.43 10.29 -0.94
CA LEU A 137 -5.30 9.87 -0.12
C LEU A 137 -4.10 9.61 -1.06
N ARG A 138 -2.88 9.72 -0.52
CA ARG A 138 -1.68 9.42 -1.31
C ARG A 138 -1.65 7.90 -1.51
N SER A 139 -1.25 7.43 -2.68
CA SER A 139 -1.19 6.00 -2.88
C SER A 139 -0.35 5.33 -1.77
N ASN A 140 0.65 6.04 -1.26
CA ASN A 140 1.48 5.54 -0.19
C ASN A 140 1.07 6.22 1.10
N TYR A 141 -0.23 6.26 1.36
CA TYR A 141 -0.72 6.91 2.56
C TYR A 141 -0.24 6.13 3.77
N GLU A 142 -0.36 6.69 4.97
CA GLU A 142 0.05 6.04 6.19
C GLU A 142 -1.06 6.02 7.20
N VAL A 143 -1.29 4.89 7.84
CA VAL A 143 -2.32 4.73 8.87
C VAL A 143 -1.70 4.78 10.26
N LYS A 144 -2.17 5.70 11.10
CA LYS A 144 -1.67 5.82 12.46
C LYS A 144 -2.82 5.50 13.41
N GLY A 145 -2.49 5.10 14.63
CA GLY A 145 -3.49 4.83 15.63
C GLY A 145 -3.68 6.19 16.28
N HIS A 146 -4.79 6.39 16.97
CA HIS A 146 -5.04 7.67 17.60
C HIS A 146 -3.91 7.94 18.61
N ARG A 147 -3.71 6.95 19.48
CA ARG A 147 -2.70 6.99 20.53
C ARG A 147 -1.27 7.24 20.06
N ASP A 148 -1.01 7.00 18.78
CA ASP A 148 0.33 7.24 18.26
C ASP A 148 0.51 8.74 18.03
N VAL A 149 -0.57 9.50 18.12
CA VAL A 149 -0.44 10.92 17.89
C VAL A 149 -1.03 11.83 18.94
N GLN A 150 -1.64 11.23 19.96
CA GLN A 150 -2.22 11.97 21.07
C GLN A 150 -2.17 10.99 22.23
N PRO A 151 -2.23 11.49 23.47
CA PRO A 151 -2.16 10.51 24.55
C PRO A 151 -3.57 10.05 24.78
N THR A 152 -3.81 8.78 24.51
CA THR A 152 -5.13 8.23 24.71
C THR A 152 -5.19 6.74 24.53
N LEU A 153 -6.28 6.17 25.02
CA LEU A 153 -6.52 4.76 24.93
C LEU A 153 -6.99 4.46 23.51
N SER A 154 -7.59 5.42 22.85
CA SER A 154 -8.15 5.19 21.55
C SER A 154 -7.07 4.71 20.65
N PRO A 155 -7.33 3.75 19.78
CA PRO A 155 -8.64 3.24 19.42
C PRO A 155 -9.01 1.99 20.17
N GLY A 156 -8.37 1.75 21.28
CA GLY A 156 -8.64 0.62 22.09
C GLY A 156 -7.60 -0.38 21.79
N ASP A 157 -7.16 -1.07 22.81
CA ASP A 157 -6.14 -2.10 22.62
C ASP A 157 -6.38 -3.15 21.55
N ARG A 158 -7.59 -3.70 21.52
CA ARG A 158 -7.97 -4.72 20.55
C ARG A 158 -7.79 -4.22 19.13
N LEU A 159 -8.60 -3.22 18.80
CA LEU A 159 -8.57 -2.61 17.49
C LEU A 159 -7.17 -2.08 17.21
N TYR A 160 -6.47 -1.65 18.26
CA TYR A 160 -5.12 -1.12 18.06
C TYR A 160 -4.24 -2.22 17.51
N GLU A 161 -4.27 -3.37 18.16
CA GLU A 161 -3.49 -4.53 17.75
C GLU A 161 -3.80 -4.85 16.28
N ILE A 162 -5.08 -4.83 15.93
CA ILE A 162 -5.47 -5.16 14.56
C ILE A 162 -4.96 -4.21 13.49
N ILE A 163 -5.00 -2.90 13.74
CA ILE A 163 -4.55 -1.98 12.70
C ILE A 163 -3.04 -1.99 12.58
N GLN A 164 -2.38 -2.54 13.60
CA GLN A 164 -0.94 -2.63 13.55
C GLN A 164 -0.51 -3.69 12.53
N THR A 165 -1.42 -4.58 12.17
CA THR A 165 -1.11 -5.63 11.21
C THR A 165 -1.42 -5.23 9.77
N TRP A 166 -1.72 -3.95 9.53
CA TRP A 166 -2.08 -3.45 8.20
C TRP A 166 -0.93 -2.88 7.37
N SER A 167 -0.82 -3.30 6.12
CA SER A 167 0.26 -2.85 5.22
C SER A 167 0.60 -1.34 5.16
N HIS A 168 -0.36 -0.46 5.42
CA HIS A 168 -0.03 0.97 5.41
C HIS A 168 0.23 1.50 6.82
N TYR A 169 0.16 0.63 7.82
CA TYR A 169 0.40 1.06 9.19
C TYR A 169 1.86 1.44 9.43
N ARG A 170 2.06 2.65 9.90
CA ARG A 170 3.33 3.06 10.40
C ARG A 170 3.09 3.65 11.74
N ALA A 171 3.68 3.04 12.75
CA ALA A 171 3.65 3.55 14.12
C ALA A 171 4.39 4.88 14.26
N GLU B 1 -5.02 -11.54 4.09
CA GLU B 1 -3.56 -11.64 3.74
C GLU B 1 -3.05 -10.31 3.17
N ASP B 2 -3.80 -9.75 2.22
CA ASP B 2 -3.64 -8.36 1.81
C ASP B 2 -5.01 -7.67 2.06
N PRO B 3 -5.16 -6.39 1.69
CA PRO B 3 -6.47 -5.74 1.83
C PRO B 3 -7.64 -6.58 1.25
N PRO B 4 -8.83 -6.47 1.86
CA PRO B 4 -10.00 -7.26 1.44
C PRO B 4 -10.50 -6.89 0.04
N ALA B 5 -11.70 -7.49 -0.34
CA ALA B 5 -12.27 -7.30 -1.64
C ALA B 5 -12.97 -5.97 -1.75
N CYS B 6 -12.64 -5.23 -2.81
CA CYS B 6 -13.30 -3.98 -3.01
C CYS B 6 -14.77 -4.39 -3.04
N GLY B 7 -15.65 -3.52 -2.58
CA GLY B 7 -17.06 -3.88 -2.58
C GLY B 7 -17.52 -4.47 -1.26
N SER B 8 -16.56 -4.76 -0.39
CA SER B 8 -16.83 -5.30 0.92
C SER B 8 -17.80 -6.46 0.76
N ILE B 9 -17.31 -7.58 0.25
CA ILE B 9 -18.17 -8.74 0.08
C ILE B 9 -18.01 -9.64 1.31
N VAL B 10 -19.13 -10.19 1.78
CA VAL B 10 -19.17 -11.11 2.91
C VAL B 10 -18.71 -12.43 2.32
N PRO B 11 -17.58 -12.97 2.81
CA PRO B 11 -17.11 -14.23 2.23
C PRO B 11 -17.92 -15.46 2.55
N ARG B 12 -17.83 -16.43 1.64
CA ARG B 12 -18.53 -17.69 1.76
C ARG B 12 -18.46 -18.14 3.20
N ARG B 13 -17.24 -18.26 3.72
CA ARG B 13 -17.03 -18.70 5.08
C ARG B 13 -17.77 -17.84 6.13
N GLU B 14 -17.76 -16.51 6.01
CA GLU B 14 -18.45 -15.65 7.00
C GLU B 14 -19.96 -15.85 7.10
N TRP B 15 -20.61 -16.30 6.03
CA TRP B 15 -22.05 -16.53 6.16
C TRP B 15 -22.38 -18.03 6.32
N ARG B 16 -21.32 -18.79 6.62
CA ARG B 16 -21.33 -20.24 6.86
C ARG B 16 -21.76 -21.16 5.71
N ALA B 17 -21.41 -20.74 4.49
CA ALA B 17 -21.72 -21.45 3.25
C ALA B 17 -21.13 -22.84 3.19
N LEU B 18 -21.83 -23.74 2.52
CA LEU B 18 -21.35 -25.11 2.32
C LEU B 18 -20.35 -24.90 1.19
N ALA B 19 -19.33 -25.75 1.10
CA ALA B 19 -18.33 -25.60 0.06
C ALA B 19 -18.98 -25.77 -1.29
N SER B 20 -18.51 -25.02 -2.28
CA SER B 20 -19.05 -25.14 -3.63
C SER B 20 -18.40 -26.35 -4.30
N GLU B 21 -19.13 -26.97 -5.21
CA GLU B 21 -18.61 -28.14 -5.92
C GLU B 21 -18.63 -27.87 -7.40
N CYS B 22 -18.77 -26.61 -7.77
CA CYS B 22 -18.84 -26.26 -9.19
C CYS B 22 -17.44 -26.11 -9.76
N ARG B 23 -17.32 -26.38 -11.06
CA ARG B 23 -16.05 -26.30 -11.75
C ARG B 23 -16.12 -25.45 -13.01
N GLU B 24 -17.19 -25.58 -13.78
CA GLU B 24 -17.33 -24.80 -14.99
C GLU B 24 -16.94 -23.35 -14.74
N ARG B 25 -16.08 -22.77 -15.53
CA ARG B 25 -15.55 -21.42 -15.35
C ARG B 25 -16.05 -20.45 -16.41
N LEU B 26 -16.37 -19.23 -15.95
CA LEU B 26 -16.68 -18.12 -16.83
C LEU B 26 -15.40 -17.52 -17.40
N THR B 27 -15.53 -16.76 -18.49
CA THR B 27 -14.45 -16.09 -19.10
C THR B 27 -14.38 -14.60 -18.71
N ARG B 28 -13.86 -14.29 -17.52
CA ARG B 28 -13.73 -12.89 -17.09
C ARG B 28 -12.75 -12.31 -18.10
N PRO B 29 -13.02 -11.12 -18.61
CA PRO B 29 -14.13 -10.18 -18.40
C PRO B 29 -15.45 -10.45 -19.17
N VAL B 30 -16.52 -10.60 -18.39
CA VAL B 30 -17.87 -10.88 -18.89
C VAL B 30 -18.57 -9.66 -19.48
N ARG B 31 -19.56 -9.90 -20.34
CA ARG B 31 -20.31 -8.82 -20.98
C ARG B 31 -21.63 -8.43 -20.34
N TYR B 32 -22.33 -9.42 -19.78
CA TYR B 32 -23.65 -9.18 -19.19
C TYR B 32 -23.79 -9.32 -17.67
N VAL B 33 -24.81 -8.68 -17.12
CA VAL B 33 -25.13 -8.75 -15.68
C VAL B 33 -26.64 -8.89 -15.58
N VAL B 34 -27.11 -9.93 -14.91
CA VAL B 34 -28.55 -10.16 -14.79
C VAL B 34 -29.06 -10.03 -13.35
N VAL B 35 -30.05 -9.16 -13.16
CA VAL B 35 -30.60 -8.91 -11.83
C VAL B 35 -31.92 -9.60 -11.55
N SER B 36 -31.98 -10.28 -10.41
CA SER B 36 -33.15 -11.05 -9.99
C SER B 36 -33.37 -10.86 -8.50
N HIS B 37 -34.51 -11.34 -7.99
CA HIS B 37 -34.74 -11.30 -6.57
C HIS B 37 -34.86 -12.76 -6.12
N THR B 38 -34.49 -13.04 -4.87
CA THR B 38 -34.56 -14.44 -4.39
C THR B 38 -36.00 -14.94 -4.28
N ALA B 39 -36.93 -14.02 -4.06
CA ALA B 39 -38.34 -14.35 -3.91
C ALA B 39 -38.53 -15.11 -2.61
N GLY B 40 -37.54 -14.98 -1.73
CA GLY B 40 -37.60 -15.62 -0.44
C GLY B 40 -37.90 -14.49 0.51
N SER B 41 -37.60 -14.68 1.79
CA SER B 41 -37.86 -13.64 2.76
C SER B 41 -36.72 -12.64 2.62
N HIS B 42 -36.96 -11.38 2.95
CA HIS B 42 -35.87 -10.43 2.92
C HIS B 42 -35.41 -10.47 4.37
N CYS B 43 -34.26 -9.88 4.61
CA CYS B 43 -33.65 -9.81 5.93
C CYS B 43 -33.03 -8.42 5.89
N ASP B 44 -32.70 -7.84 7.04
CA ASP B 44 -32.10 -6.52 7.01
C ASP B 44 -31.02 -6.25 8.04
N THR B 45 -30.43 -7.29 8.62
CA THR B 45 -29.36 -7.09 9.56
C THR B 45 -28.32 -8.08 9.12
N PRO B 46 -27.07 -7.90 9.53
CA PRO B 46 -26.07 -8.86 9.08
C PRO B 46 -26.43 -10.27 9.51
N ALA B 47 -27.01 -10.39 10.70
CA ALA B 47 -27.40 -11.69 11.22
C ALA B 47 -28.49 -12.29 10.34
N SER B 48 -29.63 -11.60 10.28
CA SER B 48 -30.75 -12.09 9.49
C SER B 48 -30.32 -12.51 8.12
N CYS B 49 -29.52 -11.66 7.48
CA CYS B 49 -29.09 -11.93 6.12
C CYS B 49 -28.09 -13.04 5.88
N ALA B 50 -27.25 -13.36 6.87
CA ALA B 50 -26.31 -14.45 6.66
C ALA B 50 -27.20 -15.70 6.60
N GLN B 51 -28.11 -15.80 7.56
CA GLN B 51 -29.02 -16.92 7.64
C GLN B 51 -29.84 -17.11 6.35
N GLN B 52 -30.18 -16.01 5.70
CA GLN B 52 -30.96 -16.06 4.47
C GLN B 52 -30.11 -16.56 3.30
N ALA B 53 -28.84 -16.15 3.26
CA ALA B 53 -27.92 -16.58 2.20
C ALA B 53 -27.73 -18.09 2.38
N GLN B 54 -27.65 -18.50 3.64
CA GLN B 54 -27.49 -19.89 4.02
C GLN B 54 -28.71 -20.68 3.56
N ASN B 55 -29.87 -20.07 3.79
CA ASN B 55 -31.16 -20.65 3.45
C ASN B 55 -31.25 -20.89 1.98
N VAL B 56 -31.05 -19.85 1.19
CA VAL B 56 -31.16 -19.99 -0.25
C VAL B 56 -30.19 -21.04 -0.77
N GLN B 57 -28.96 -21.08 -0.24
CA GLN B 57 -28.00 -22.08 -0.71
C GLN B 57 -28.48 -23.49 -0.37
N SER B 58 -28.85 -23.69 0.90
CA SER B 58 -29.34 -24.99 1.35
C SER B 58 -30.41 -25.46 0.39
N TYR B 59 -31.28 -24.53 0.01
CA TYR B 59 -32.36 -24.87 -0.90
C TYR B 59 -31.79 -25.42 -2.20
N HIS B 60 -30.99 -24.60 -2.86
CA HIS B 60 -30.38 -24.95 -4.15
C HIS B 60 -29.54 -26.20 -4.13
N VAL B 61 -28.84 -26.43 -3.04
CA VAL B 61 -27.99 -27.59 -2.97
C VAL B 61 -28.67 -28.83 -2.43
N ARG B 62 -29.16 -28.75 -1.20
CA ARG B 62 -29.81 -29.90 -0.61
C ARG B 62 -31.00 -30.37 -1.45
N ASN B 63 -31.75 -29.42 -2.02
CA ASN B 63 -32.94 -29.79 -2.77
C ASN B 63 -32.88 -29.80 -4.29
N LEU B 64 -32.22 -28.84 -4.93
CA LEU B 64 -32.16 -28.86 -6.39
C LEU B 64 -30.92 -29.54 -6.96
N GLY B 65 -30.18 -30.23 -6.10
CA GLY B 65 -29.00 -30.96 -6.52
C GLY B 65 -27.81 -30.13 -6.97
N TRP B 66 -27.99 -28.81 -7.01
CA TRP B 66 -26.96 -27.93 -7.49
C TRP B 66 -25.59 -27.98 -6.78
N CYS B 67 -24.54 -27.75 -7.57
CA CYS B 67 -23.15 -27.78 -7.08
C CYS B 67 -22.85 -26.67 -6.08
N ASP B 68 -23.67 -25.62 -6.13
CA ASP B 68 -23.51 -24.51 -5.22
C ASP B 68 -24.72 -23.60 -5.33
N VAL B 69 -24.83 -22.64 -4.43
CA VAL B 69 -25.93 -21.68 -4.49
C VAL B 69 -25.84 -21.11 -5.91
N GLY B 70 -26.98 -20.98 -6.58
CA GLY B 70 -26.98 -20.52 -7.95
C GLY B 70 -26.25 -19.26 -8.32
N TYR B 71 -26.68 -18.14 -7.74
CA TYR B 71 -26.13 -16.81 -7.98
C TYR B 71 -24.65 -16.54 -7.80
N ASN B 72 -24.14 -15.59 -8.58
CA ASN B 72 -22.75 -15.19 -8.48
C ASN B 72 -22.65 -14.33 -7.22
N PHE B 73 -23.65 -13.46 -7.02
CA PHE B 73 -23.67 -12.60 -5.84
C PHE B 73 -25.07 -12.35 -5.33
N LEU B 74 -25.18 -12.23 -4.01
CA LEU B 74 -26.46 -11.94 -3.36
C LEU B 74 -26.31 -10.58 -2.62
N ILE B 75 -27.40 -9.81 -2.56
CA ILE B 75 -27.42 -8.50 -1.89
C ILE B 75 -28.46 -8.51 -0.76
N GLY B 76 -28.09 -8.05 0.43
CA GLY B 76 -29.04 -8.04 1.54
C GLY B 76 -29.58 -6.64 1.76
N GLU B 77 -30.70 -6.54 2.47
CA GLU B 77 -31.26 -5.22 2.74
C GLU B 77 -30.42 -4.54 3.81
N ASP B 78 -29.46 -5.28 4.37
CA ASP B 78 -28.56 -4.68 5.36
C ASP B 78 -27.53 -3.89 4.56
N GLY B 79 -27.63 -4.02 3.24
CA GLY B 79 -26.75 -3.30 2.34
C GLY B 79 -25.37 -3.91 2.16
N LEU B 80 -25.24 -5.17 2.54
CA LEU B 80 -23.96 -5.85 2.37
C LEU B 80 -24.07 -6.75 1.16
N VAL B 81 -22.94 -7.17 0.61
CA VAL B 81 -22.97 -8.08 -0.52
C VAL B 81 -22.47 -9.44 -0.05
N TYR B 82 -23.24 -10.47 -0.38
CA TYR B 82 -22.89 -11.84 0.02
C TYR B 82 -22.31 -12.61 -1.12
N GLU B 83 -21.09 -13.10 -0.90
CA GLU B 83 -20.43 -13.87 -1.93
C GLU B 83 -21.17 -15.16 -2.20
N GLY B 84 -21.46 -15.40 -3.47
CA GLY B 84 -22.13 -16.60 -3.91
C GLY B 84 -21.09 -17.41 -4.66
N ARG B 85 -21.33 -17.63 -5.94
CA ARG B 85 -20.37 -18.39 -6.74
C ARG B 85 -19.16 -17.55 -7.11
N GLY B 86 -19.28 -16.24 -6.98
CA GLY B 86 -18.16 -15.36 -7.28
C GLY B 86 -18.09 -14.85 -8.70
N TRP B 87 -16.90 -14.36 -9.07
CA TRP B 87 -16.68 -13.81 -10.41
C TRP B 87 -16.38 -14.85 -11.45
N ASN B 88 -15.61 -15.86 -11.08
CA ASN B 88 -15.15 -16.91 -11.99
C ASN B 88 -16.01 -18.09 -12.44
N ILE B 89 -16.95 -18.56 -11.59
CA ILE B 89 -17.78 -19.71 -11.94
C ILE B 89 -19.15 -19.45 -12.57
N LYS B 90 -19.41 -20.12 -13.70
CA LYS B 90 -20.69 -20.00 -14.40
C LYS B 90 -21.77 -20.15 -13.33
N GLY B 91 -22.79 -19.30 -13.39
CA GLY B 91 -23.84 -19.38 -12.41
C GLY B 91 -24.98 -20.24 -12.89
N ALA B 92 -26.09 -20.15 -12.17
CA ALA B 92 -27.30 -20.89 -12.50
C ALA B 92 -28.39 -19.96 -12.00
N HIS B 93 -28.72 -18.97 -12.82
CA HIS B 93 -29.70 -17.96 -12.43
C HIS B 93 -30.52 -17.45 -13.59
N ALA B 94 -30.09 -17.74 -14.81
CA ALA B 94 -30.83 -17.24 -15.96
C ALA B 94 -30.94 -18.20 -17.13
N GLY B 95 -30.72 -19.49 -16.91
CA GLY B 95 -30.85 -20.45 -17.99
C GLY B 95 -29.61 -20.69 -18.83
N PRO B 96 -29.71 -21.65 -19.79
CA PRO B 96 -28.64 -22.04 -20.70
C PRO B 96 -28.04 -20.86 -21.47
N THR B 97 -28.88 -20.10 -22.17
CA THR B 97 -28.44 -18.94 -22.94
C THR B 97 -27.59 -17.97 -22.14
N TRP B 98 -28.09 -17.53 -20.99
CA TRP B 98 -27.40 -16.55 -20.18
C TRP B 98 -26.50 -16.94 -19.01
N ASN B 99 -26.65 -18.13 -18.45
CA ASN B 99 -25.78 -18.48 -17.32
C ASN B 99 -24.28 -18.41 -17.64
N PRO B 100 -23.88 -18.84 -18.86
CA PRO B 100 -22.46 -18.83 -19.23
C PRO B 100 -21.85 -17.50 -19.66
N ILE B 101 -22.66 -16.50 -19.96
CA ILE B 101 -22.11 -15.23 -20.44
C ILE B 101 -22.39 -13.97 -19.63
N SER B 102 -22.94 -14.16 -18.43
CA SER B 102 -23.26 -13.03 -17.57
C SER B 102 -22.98 -13.37 -16.12
N ILE B 103 -22.99 -12.36 -15.27
CA ILE B 103 -22.80 -12.57 -13.84
C ILE B 103 -24.18 -12.35 -13.25
N GLY B 104 -24.59 -13.18 -12.30
CA GLY B 104 -25.90 -13.01 -11.71
C GLY B 104 -25.89 -12.53 -10.28
N ILE B 105 -26.52 -11.39 -10.04
CA ILE B 105 -26.60 -10.86 -8.69
C ILE B 105 -28.07 -10.89 -8.27
N SER B 106 -28.34 -11.29 -7.03
CA SER B 106 -29.71 -11.38 -6.58
C SER B 106 -30.02 -10.67 -5.26
N PHE B 107 -31.10 -9.91 -5.25
CA PHE B 107 -31.55 -9.17 -4.08
C PHE B 107 -32.39 -10.09 -3.24
N MET B 108 -32.07 -10.20 -1.95
CA MET B 108 -32.78 -11.10 -1.06
C MET B 108 -34.12 -10.58 -0.55
N GLY B 109 -35.17 -10.98 -1.25
CA GLY B 109 -36.51 -10.59 -0.90
C GLY B 109 -37.34 -10.66 -2.15
N ASN B 110 -38.63 -10.35 -1.99
CA ASN B 110 -39.56 -10.33 -3.08
C ASN B 110 -39.76 -8.84 -3.28
N TYR B 111 -39.46 -8.37 -4.48
CA TYR B 111 -39.58 -6.96 -4.77
C TYR B 111 -40.64 -6.64 -5.80
N MET B 112 -41.71 -7.44 -5.76
CA MET B 112 -42.82 -7.22 -6.65
C MET B 112 -43.53 -5.96 -6.18
N ASN B 113 -43.72 -5.83 -4.86
CA ASN B 113 -44.39 -4.65 -4.31
C ASN B 113 -43.56 -3.86 -3.28
N ARG B 114 -42.29 -4.20 -3.12
CA ARG B 114 -41.43 -3.46 -2.18
C ARG B 114 -40.21 -2.99 -2.95
N VAL B 115 -39.74 -1.80 -2.61
CA VAL B 115 -38.54 -1.30 -3.24
C VAL B 115 -37.49 -1.59 -2.18
N PRO B 116 -36.28 -1.98 -2.58
CA PRO B 116 -35.29 -2.24 -1.53
C PRO B 116 -34.57 -0.94 -1.15
N PRO B 117 -34.02 -0.90 0.08
CA PRO B 117 -33.31 0.28 0.60
C PRO B 117 -32.15 0.77 -0.29
N PRO B 118 -31.94 2.09 -0.37
CA PRO B 118 -30.85 2.60 -1.21
C PRO B 118 -29.50 1.97 -0.95
N ARG B 119 -29.21 1.65 0.31
CA ARG B 119 -27.93 1.03 0.65
C ARG B 119 -27.76 -0.28 -0.11
N ALA B 120 -28.87 -0.93 -0.44
CA ALA B 120 -28.82 -2.16 -1.19
C ALA B 120 -28.51 -1.79 -2.62
N LEU B 121 -29.17 -0.74 -3.13
CA LEU B 121 -28.91 -0.33 -4.49
C LEU B 121 -27.44 0.08 -4.59
N ARG B 122 -26.86 0.60 -3.50
CA ARG B 122 -25.46 1.04 -3.51
C ARG B 122 -24.48 -0.13 -3.59
N ALA B 123 -24.64 -1.11 -2.71
CA ALA B 123 -23.76 -2.27 -2.70
C ALA B 123 -23.81 -2.92 -4.08
N ALA B 124 -24.96 -2.85 -4.73
CA ALA B 124 -25.12 -3.44 -6.05
C ALA B 124 -24.21 -2.81 -7.09
N GLN B 125 -24.31 -1.49 -7.25
CA GLN B 125 -23.50 -0.78 -8.24
C GLN B 125 -22.03 -0.88 -7.87
N ASN B 126 -21.73 -0.49 -6.64
CA ASN B 126 -20.36 -0.55 -6.18
C ASN B 126 -19.87 -1.99 -6.42
N LEU B 127 -20.77 -2.96 -6.29
CA LEU B 127 -20.41 -4.35 -6.54
C LEU B 127 -19.85 -4.47 -7.94
N LEU B 128 -20.59 -3.91 -8.89
CA LEU B 128 -20.21 -3.94 -10.31
C LEU B 128 -18.94 -3.16 -10.63
N ALA B 129 -18.81 -1.95 -10.08
CA ALA B 129 -17.62 -1.15 -10.34
C ALA B 129 -16.39 -2.01 -10.06
N CYS B 130 -16.33 -2.50 -8.82
CA CYS B 130 -15.28 -3.37 -8.29
C CYS B 130 -15.15 -4.63 -9.15
N GLY B 131 -16.09 -4.79 -10.09
CA GLY B 131 -16.05 -5.93 -10.98
C GLY B 131 -15.15 -5.66 -12.16
N VAL B 132 -15.02 -4.39 -12.53
CA VAL B 132 -14.16 -4.03 -13.64
C VAL B 132 -12.77 -3.89 -13.07
N ALA B 133 -12.64 -3.20 -11.95
CA ALA B 133 -11.33 -3.03 -11.33
C ALA B 133 -10.61 -4.36 -11.27
N LEU B 134 -11.12 -5.29 -10.47
CA LEU B 134 -10.49 -6.60 -10.37
C LEU B 134 -10.50 -7.21 -11.78
N GLY B 135 -11.25 -6.59 -12.70
CA GLY B 135 -11.30 -7.02 -14.08
C GLY B 135 -12.19 -8.19 -14.47
N ALA B 136 -13.31 -8.38 -13.78
CA ALA B 136 -14.21 -9.49 -14.09
C ALA B 136 -15.31 -9.08 -15.06
N LEU B 137 -15.58 -7.77 -15.12
CA LEU B 137 -16.60 -7.23 -15.98
C LEU B 137 -15.98 -6.41 -17.11
N ARG B 138 -16.59 -6.42 -18.28
CA ARG B 138 -16.06 -5.60 -19.36
C ARG B 138 -16.61 -4.20 -19.07
N SER B 139 -15.71 -3.23 -19.06
CA SER B 139 -16.01 -1.83 -18.73
C SER B 139 -17.34 -1.26 -19.23
N ASN B 140 -17.73 -1.66 -20.42
CA ASN B 140 -18.95 -1.19 -21.06
C ASN B 140 -20.11 -2.16 -20.87
N TYR B 141 -20.00 -3.00 -19.84
CA TYR B 141 -21.01 -4.03 -19.52
C TYR B 141 -22.44 -3.52 -19.46
N GLU B 142 -23.35 -4.45 -19.72
CA GLU B 142 -24.77 -4.18 -19.77
C GLU B 142 -25.51 -4.93 -18.66
N VAL B 143 -26.60 -4.33 -18.19
CA VAL B 143 -27.43 -4.88 -17.13
C VAL B 143 -28.77 -5.27 -17.72
N LYS B 144 -29.27 -6.45 -17.36
CA LYS B 144 -30.56 -6.91 -17.87
C LYS B 144 -31.43 -7.32 -16.69
N GLY B 145 -32.74 -7.39 -16.88
CA GLY B 145 -33.64 -7.77 -15.81
C GLY B 145 -33.88 -9.26 -15.90
N HIS B 146 -33.96 -9.95 -14.77
CA HIS B 146 -34.19 -11.39 -14.81
C HIS B 146 -35.35 -11.72 -15.75
N ARG B 147 -36.35 -10.85 -15.79
CA ARG B 147 -37.52 -11.01 -16.65
C ARG B 147 -37.23 -10.52 -18.07
N ASP B 148 -36.05 -9.94 -18.28
CA ASP B 148 -35.67 -9.44 -19.59
C ASP B 148 -35.05 -10.60 -20.38
N VAL B 149 -34.89 -11.75 -19.73
CA VAL B 149 -34.27 -12.88 -20.40
C VAL B 149 -34.81 -14.29 -20.08
N GLN B 150 -35.90 -14.35 -19.31
CA GLN B 150 -36.54 -15.62 -18.95
C GLN B 150 -38.00 -15.36 -18.60
N PRO B 151 -38.88 -16.37 -18.75
CA PRO B 151 -40.27 -16.13 -18.40
C PRO B 151 -40.47 -16.00 -16.90
N THR B 152 -40.11 -14.85 -16.34
CA THR B 152 -40.25 -14.66 -14.89
C THR B 152 -40.65 -13.24 -14.44
N LEU B 153 -41.35 -13.17 -13.34
CA LEU B 153 -41.67 -11.92 -12.69
C LEU B 153 -40.47 -11.24 -12.06
N SER B 154 -39.53 -12.04 -11.60
CA SER B 154 -38.39 -11.54 -10.89
C SER B 154 -37.70 -10.57 -11.79
N PRO B 155 -37.23 -9.47 -11.29
CA PRO B 155 -36.93 -9.18 -9.89
C PRO B 155 -38.03 -8.49 -9.13
N GLY B 156 -39.23 -8.45 -9.65
CA GLY B 156 -40.34 -7.69 -9.09
C GLY B 156 -40.52 -6.35 -9.79
N ASP B 157 -41.73 -5.89 -9.84
CA ASP B 157 -42.02 -4.71 -10.57
C ASP B 157 -41.24 -3.56 -10.07
N ARG B 158 -41.14 -3.42 -8.76
CA ARG B 158 -40.43 -2.31 -8.15
C ARG B 158 -38.94 -2.21 -8.39
N LEU B 159 -38.23 -3.29 -8.20
CA LEU B 159 -36.83 -3.33 -8.45
C LEU B 159 -36.58 -3.12 -9.90
N TYR B 160 -37.43 -3.73 -10.68
CA TYR B 160 -37.26 -3.69 -12.09
C TYR B 160 -37.39 -2.28 -12.66
N GLU B 161 -38.36 -1.52 -12.19
CA GLU B 161 -38.46 -0.18 -12.71
C GLU B 161 -37.21 0.62 -12.38
N ILE B 162 -36.64 0.37 -11.22
CA ILE B 162 -35.43 1.05 -10.89
C ILE B 162 -34.25 0.69 -11.73
N ILE B 163 -33.99 -0.58 -11.89
CA ILE B 163 -32.80 -0.90 -12.61
C ILE B 163 -32.89 -0.41 -14.00
N GLN B 164 -34.10 -0.12 -14.44
CA GLN B 164 -34.32 0.46 -15.74
C GLN B 164 -33.71 1.85 -15.84
N THR B 165 -33.77 2.60 -14.76
CA THR B 165 -33.25 3.95 -14.65
C THR B 165 -31.74 3.97 -14.74
N TRP B 166 -31.13 2.82 -14.53
CA TRP B 166 -29.68 2.71 -14.54
C TRP B 166 -28.93 3.11 -15.78
N SER B 167 -27.68 3.47 -15.55
CA SER B 167 -26.76 3.92 -16.57
C SER B 167 -26.29 2.79 -17.48
N HIS B 168 -25.51 1.86 -16.93
CA HIS B 168 -25.04 0.75 -17.74
C HIS B 168 -26.11 -0.33 -17.85
N TYR B 169 -27.38 0.09 -17.79
CA TYR B 169 -28.53 -0.81 -17.91
C TYR B 169 -28.59 -1.16 -19.39
N ARG B 170 -29.74 -1.66 -19.82
CA ARG B 170 -29.92 -2.04 -21.24
C ARG B 170 -31.11 -2.92 -21.65
N ALA B 171 -31.45 -2.85 -22.92
CA ALA B 171 -32.54 -3.65 -23.51
C ALA B 171 -33.75 -3.77 -22.63
N GLU C 1 22.65 24.78 31.31
CA GLU C 1 22.11 25.51 30.12
C GLU C 1 23.23 26.22 29.34
N ASP C 2 23.96 25.43 28.55
CA ASP C 2 25.11 25.93 27.80
C ASP C 2 24.85 25.88 26.29
N PRO C 3 24.61 27.06 25.67
CA PRO C 3 24.35 27.17 24.24
C PRO C 3 25.59 27.54 23.41
N PRO C 4 25.95 26.69 22.42
CA PRO C 4 26.89 27.09 21.39
C PRO C 4 26.17 27.52 20.10
N ALA C 5 26.75 28.50 19.39
CA ALA C 5 26.23 28.92 18.09
C ALA C 5 26.95 28.17 16.97
N CYS C 6 26.94 26.81 17.18
CA CYS C 6 27.73 25.96 16.32
C CYS C 6 27.11 25.75 14.96
N GLY C 7 25.84 26.11 14.88
CA GLY C 7 25.07 25.93 13.67
C GLY C 7 25.35 26.74 12.43
N SER C 8 26.40 26.38 11.68
CA SER C 8 26.68 27.07 10.44
C SER C 8 26.00 26.27 9.32
N ILE C 9 24.69 26.11 9.50
CA ILE C 9 23.82 25.35 8.61
C ILE C 9 22.86 26.28 7.88
N VAL C 10 22.61 26.00 6.60
CA VAL C 10 21.70 26.82 5.79
C VAL C 10 20.29 26.28 6.04
N PRO C 11 19.39 27.12 6.57
CA PRO C 11 18.02 26.66 6.84
C PRO C 11 17.32 26.34 5.55
N ARG C 12 16.22 25.61 5.62
CA ARG C 12 15.44 25.22 4.44
C ARG C 12 14.91 26.47 3.77
N ARG C 13 14.39 27.37 4.58
CA ARG C 13 13.83 28.61 4.08
C ARG C 13 14.86 29.21 3.13
N GLU C 14 16.12 29.20 3.54
CA GLU C 14 17.16 29.77 2.72
C GLU C 14 17.48 29.02 1.43
N TRP C 15 17.25 27.72 1.37
CA TRP C 15 17.50 27.08 0.08
C TRP C 15 16.18 26.84 -0.65
N ARG C 16 15.16 27.61 -0.28
CA ARG C 16 13.83 27.56 -0.86
C ARG C 16 13.34 26.12 -0.94
N ALA C 17 13.27 25.44 0.20
CA ALA C 17 12.80 24.05 0.22
C ALA C 17 11.30 23.96 0.46
N LEU C 18 10.68 22.91 -0.10
CA LEU C 18 9.25 22.70 0.08
C LEU C 18 9.09 22.25 1.51
N ALA C 19 7.92 22.58 2.07
CA ALA C 19 7.58 22.24 3.44
C ALA C 19 7.57 20.75 3.68
N SER C 20 8.20 20.32 4.77
CA SER C 20 8.21 18.92 5.11
C SER C 20 6.85 18.53 5.68
N GLU C 21 6.54 17.24 5.59
CA GLU C 21 5.28 16.72 6.10
C GLU C 21 5.60 15.54 6.98
N CYS C 22 6.86 15.44 7.38
CA CYS C 22 7.24 14.33 8.22
C CYS C 22 6.87 14.76 9.63
N ARG C 23 6.63 13.80 10.52
CA ARG C 23 6.28 14.13 11.89
C ARG C 23 6.91 13.16 12.85
N GLU C 24 7.52 12.12 12.31
CA GLU C 24 8.14 11.15 13.18
C GLU C 24 9.40 11.71 13.81
N ARG C 25 9.55 11.47 15.10
CA ARG C 25 10.68 12.01 15.86
C ARG C 25 11.80 11.05 16.19
N LEU C 26 12.99 11.64 16.27
CA LEU C 26 14.20 10.94 16.65
C LEU C 26 14.30 11.20 18.14
N THR C 27 14.83 10.25 18.89
CA THR C 27 14.97 10.51 20.30
C THR C 27 16.43 10.80 20.57
N ARG C 28 16.74 12.06 20.87
CA ARG C 28 18.11 12.47 21.15
C ARG C 28 18.45 12.05 22.57
N PRO C 29 19.72 11.76 22.85
CA PRO C 29 20.89 11.80 21.96
C PRO C 29 21.01 10.54 21.09
N VAL C 30 21.11 10.79 19.78
CA VAL C 30 21.23 9.75 18.78
C VAL C 30 22.63 9.14 18.88
N ARG C 31 22.71 7.81 18.78
CA ARG C 31 23.98 7.10 18.89
C ARG C 31 24.73 6.92 17.58
N TYR C 32 24.00 6.86 16.47
CA TYR C 32 24.61 6.62 15.16
C TYR C 32 24.51 7.70 14.09
N VAL C 33 25.54 7.75 13.24
CA VAL C 33 25.62 8.68 12.12
C VAL C 33 25.96 7.90 10.85
N VAL C 34 25.07 7.94 9.86
CA VAL C 34 25.30 7.23 8.61
C VAL C 34 25.59 8.22 7.50
N VAL C 35 26.68 7.94 6.78
CA VAL C 35 27.16 8.79 5.70
C VAL C 35 26.94 8.25 4.29
N SER C 36 26.22 9.01 3.50
CA SER C 36 25.89 8.64 2.13
C SER C 36 26.31 9.76 1.19
N HIS C 37 26.12 9.54 -0.09
CA HIS C 37 26.38 10.58 -1.07
C HIS C 37 25.15 10.49 -1.94
N THR C 38 24.80 11.62 -2.56
CA THR C 38 23.64 11.67 -3.42
C THR C 38 23.86 10.73 -4.58
N ALA C 39 25.10 10.70 -5.05
CA ALA C 39 25.45 9.89 -6.20
C ALA C 39 25.04 10.71 -7.41
N GLY C 40 24.60 11.94 -7.14
CA GLY C 40 24.17 12.82 -8.20
C GLY C 40 25.19 13.89 -8.49
N SER C 41 24.82 14.87 -9.31
CA SER C 41 25.74 15.96 -9.65
C SER C 41 26.11 16.74 -8.41
N HIS C 42 27.36 17.20 -8.34
CA HIS C 42 27.79 18.00 -7.19
C HIS C 42 27.77 19.50 -7.53
N CYS C 43 27.83 20.36 -6.51
CA CYS C 43 27.79 21.81 -6.67
C CYS C 43 28.89 22.48 -5.85
N ASP C 44 29.47 23.57 -6.37
CA ASP C 44 30.53 24.25 -5.64
C ASP C 44 30.26 25.68 -5.17
N THR C 45 29.03 26.16 -5.31
CA THR C 45 28.70 27.51 -4.85
C THR C 45 27.40 27.52 -4.06
N PRO C 46 27.31 28.41 -3.06
CA PRO C 46 26.11 28.52 -2.21
C PRO C 46 24.80 28.59 -2.98
N ALA C 47 24.83 29.21 -4.16
CA ALA C 47 23.65 29.38 -4.98
C ALA C 47 23.23 28.16 -5.80
N SER C 48 24.20 27.38 -6.28
CA SER C 48 23.90 26.18 -7.07
C SER C 48 23.71 25.03 -6.14
N CYS C 49 24.33 25.12 -4.97
CA CYS C 49 24.19 24.06 -3.98
C CYS C 49 22.79 24.15 -3.42
N ALA C 50 22.26 25.36 -3.37
CA ALA C 50 20.90 25.57 -2.90
C ALA C 50 20.00 24.92 -3.96
N GLN C 51 20.35 25.13 -5.22
CA GLN C 51 19.61 24.56 -6.33
C GLN C 51 19.68 23.04 -6.30
N GLN C 52 20.86 22.50 -6.02
CA GLN C 52 21.06 21.07 -5.97
C GLN C 52 20.24 20.48 -4.82
N ALA C 53 20.28 21.10 -3.64
CA ALA C 53 19.49 20.59 -2.50
C ALA C 53 18.05 20.51 -2.98
N GLN C 54 17.59 21.60 -3.59
CA GLN C 54 16.24 21.62 -4.12
C GLN C 54 15.96 20.39 -4.94
N ASN C 55 16.86 20.10 -5.88
CA ASN C 55 16.71 18.93 -6.76
C ASN C 55 16.62 17.65 -5.96
N VAL C 56 17.59 17.42 -5.08
CA VAL C 56 17.59 16.20 -4.28
C VAL C 56 16.24 16.07 -3.58
N GLN C 57 15.75 17.15 -2.99
CA GLN C 57 14.47 17.10 -2.31
C GLN C 57 13.32 16.82 -3.29
N SER C 58 13.33 17.53 -4.43
CA SER C 58 12.29 17.32 -5.42
C SER C 58 12.16 15.82 -5.75
N TYR C 59 13.27 15.18 -6.05
CA TYR C 59 13.28 13.76 -6.38
C TYR C 59 12.62 12.92 -5.28
N HIS C 60 13.05 13.11 -4.02
CA HIS C 60 12.46 12.36 -2.90
C HIS C 60 11.00 12.68 -2.62
N VAL C 61 10.60 13.92 -2.89
CA VAL C 61 9.25 14.35 -2.60
C VAL C 61 8.28 14.21 -3.74
N ARG C 62 8.69 14.58 -4.94
CA ARG C 62 7.79 14.47 -6.08
C ARG C 62 7.87 13.06 -6.66
N ASN C 63 9.08 12.61 -7.00
CA ASN C 63 9.29 11.29 -7.59
C ASN C 63 9.01 10.06 -6.72
N LEU C 64 9.46 10.09 -5.48
CA LEU C 64 9.26 8.96 -4.60
C LEU C 64 8.13 9.22 -3.61
N GLY C 65 7.44 10.34 -3.79
CA GLY C 65 6.32 10.69 -2.92
C GLY C 65 6.57 10.67 -1.42
N TRP C 66 7.77 11.05 -1.02
CA TRP C 66 8.17 11.11 0.39
C TRP C 66 7.76 12.42 1.08
N CYS C 67 7.54 12.35 2.40
CA CYS C 67 7.14 13.52 3.21
C CYS C 67 8.20 14.63 3.17
N ASP C 68 9.44 14.27 2.89
CA ASP C 68 10.53 15.24 2.80
C ASP C 68 11.82 14.55 2.36
N VAL C 69 12.80 15.35 1.97
CA VAL C 69 14.11 14.83 1.58
C VAL C 69 14.52 13.89 2.70
N GLY C 70 15.01 12.71 2.33
CA GLY C 70 15.37 11.70 3.31
C GLY C 70 16.48 11.92 4.30
N TYR C 71 17.44 12.79 4.00
CA TYR C 71 18.54 13.01 4.93
C TYR C 71 18.29 14.10 5.95
N ASN C 72 18.96 13.99 7.09
CA ASN C 72 18.83 14.97 8.16
C ASN C 72 19.63 16.21 7.79
N PHE C 73 20.73 16.00 7.07
CA PHE C 73 21.56 17.11 6.60
C PHE C 73 22.21 16.71 5.29
N LEU C 74 22.63 17.71 4.52
CA LEU C 74 23.34 17.54 3.26
C LEU C 74 24.59 18.44 3.30
N ILE C 75 25.69 17.93 2.78
CA ILE C 75 26.96 18.65 2.75
C ILE C 75 27.28 19.01 1.30
N GLY C 76 27.42 20.31 1.05
CA GLY C 76 27.72 20.79 -0.29
C GLY C 76 29.23 20.91 -0.46
N GLU C 77 29.72 20.86 -1.69
CA GLU C 77 31.15 21.01 -1.91
C GLU C 77 31.51 22.50 -1.83
N ASP C 78 30.49 23.31 -1.57
CA ASP C 78 30.67 24.76 -1.42
C ASP C 78 31.12 24.97 0.03
N GLY C 79 31.26 23.87 0.77
CA GLY C 79 31.68 23.95 2.15
C GLY C 79 30.57 24.30 3.13
N LEU C 80 29.31 24.24 2.68
CA LEU C 80 28.18 24.56 3.53
C LEU C 80 27.32 23.34 3.87
N VAL C 81 26.70 23.36 5.04
CA VAL C 81 25.83 22.26 5.47
C VAL C 81 24.37 22.69 5.28
N TYR C 82 23.65 21.96 4.43
CA TYR C 82 22.23 22.25 4.16
C TYR C 82 21.31 21.41 5.03
N GLU C 83 20.40 22.09 5.70
CA GLU C 83 19.42 21.47 6.58
C GLU C 83 18.41 20.58 5.84
N GLY C 84 18.23 19.36 6.33
CA GLY C 84 17.33 18.42 5.71
C GLY C 84 16.24 18.24 6.73
N ARG C 85 16.01 17.01 7.16
CA ARG C 85 14.97 16.78 8.14
C ARG C 85 15.43 17.28 9.48
N GLY C 86 16.66 17.76 9.58
CA GLY C 86 17.19 18.26 10.83
C GLY C 86 17.61 17.27 11.88
N TRP C 87 17.82 17.74 13.12
CA TRP C 87 18.26 16.89 14.23
C TRP C 87 17.21 16.08 14.95
N ASN C 88 15.95 16.52 14.89
CA ASN C 88 14.89 15.84 15.63
C ASN C 88 13.86 15.06 14.82
N ILE C 89 14.05 14.95 13.51
CA ILE C 89 13.11 14.20 12.73
C ILE C 89 13.77 13.02 12.06
N LYS C 90 13.20 11.86 12.33
CA LYS C 90 13.69 10.60 11.78
C LYS C 90 13.85 10.68 10.25
N GLY C 91 15.08 10.49 9.78
CA GLY C 91 15.32 10.56 8.35
C GLY C 91 14.82 9.33 7.62
N ALA C 92 15.11 9.23 6.32
CA ALA C 92 14.72 8.07 5.51
C ALA C 92 15.91 7.89 4.58
N HIS C 93 16.99 7.34 5.12
CA HIS C 93 18.22 7.18 4.36
C HIS C 93 18.97 5.86 4.50
N ALA C 94 18.62 5.05 5.48
CA ALA C 94 19.31 3.79 5.65
C ALA C 94 18.42 2.63 6.14
N GLY C 95 17.15 2.65 5.75
CA GLY C 95 16.28 1.55 6.16
C GLY C 95 15.60 1.64 7.51
N PRO C 96 14.68 0.71 7.81
CA PRO C 96 13.88 0.60 9.04
C PRO C 96 14.66 0.29 10.31
N THR C 97 15.85 -0.25 10.17
CA THR C 97 16.61 -0.60 11.36
C THR C 97 17.57 0.50 11.81
N TRP C 98 18.05 1.31 10.87
CA TRP C 98 18.98 2.39 11.17
C TRP C 98 18.32 3.77 11.15
N ASN C 99 17.30 3.93 10.31
CA ASN C 99 16.67 5.22 10.22
C ASN C 99 16.23 5.77 11.58
N PRO C 100 15.61 4.94 12.42
CA PRO C 100 15.20 5.52 13.68
C PRO C 100 16.24 5.68 14.78
N ILE C 101 17.49 5.36 14.52
CA ILE C 101 18.52 5.46 15.56
C ILE C 101 19.80 6.10 15.03
N SER C 102 19.68 6.92 13.99
CA SER C 102 20.85 7.53 13.42
C SER C 102 20.53 8.83 12.76
N ILE C 103 21.58 9.62 12.52
CA ILE C 103 21.44 10.89 11.82
C ILE C 103 22.05 10.58 10.48
N GLY C 104 21.31 10.85 9.42
CA GLY C 104 21.82 10.57 8.11
C GLY C 104 22.26 11.83 7.42
N ILE C 105 23.56 12.03 7.29
CA ILE C 105 24.08 13.20 6.60
C ILE C 105 24.57 12.65 5.26
N SER C 106 24.40 13.44 4.20
CA SER C 106 24.79 12.99 2.87
C SER C 106 25.56 14.06 2.13
N PHE C 107 26.59 13.63 1.41
CA PHE C 107 27.41 14.57 0.64
C PHE C 107 26.81 14.69 -0.74
N MET C 108 26.49 15.92 -1.15
CA MET C 108 25.90 16.14 -2.46
C MET C 108 26.95 15.98 -3.56
N GLY C 109 26.94 14.81 -4.20
CA GLY C 109 27.85 14.52 -5.30
C GLY C 109 28.00 13.03 -5.47
N ASN C 110 28.82 12.62 -6.44
CA ASN C 110 29.06 11.21 -6.65
C ASN C 110 30.53 10.99 -6.33
N TYR C 111 30.80 10.23 -5.29
CA TYR C 111 32.17 10.06 -4.87
C TYR C 111 32.81 8.70 -5.09
N MET C 112 32.65 8.17 -6.30
CA MET C 112 33.25 6.90 -6.68
C MET C 112 34.60 7.11 -7.37
N ASN C 113 34.91 8.37 -7.67
CA ASN C 113 36.15 8.74 -8.34
C ASN C 113 36.66 10.12 -8.00
N ARG C 114 35.98 10.77 -7.05
CA ARG C 114 36.38 12.08 -6.56
C ARG C 114 36.41 11.96 -5.05
N VAL C 115 37.13 12.86 -4.41
CA VAL C 115 37.08 12.93 -2.97
C VAL C 115 36.38 14.28 -2.86
N PRO C 116 35.68 14.50 -1.76
CA PRO C 116 34.99 15.77 -1.57
C PRO C 116 36.09 16.75 -1.17
N PRO C 117 35.97 18.03 -1.56
CA PRO C 117 37.05 18.95 -1.14
C PRO C 117 37.16 19.15 0.36
N PRO C 118 38.39 19.39 0.88
CA PRO C 118 38.62 19.60 2.31
C PRO C 118 37.51 20.39 2.98
N ARG C 119 37.11 21.52 2.40
CA ARG C 119 36.07 22.31 3.02
C ARG C 119 34.74 21.56 3.20
N ALA C 120 34.42 20.62 2.30
CA ALA C 120 33.18 19.87 2.45
C ALA C 120 33.37 18.94 3.66
N LEU C 121 34.56 18.35 3.77
CA LEU C 121 34.85 17.45 4.89
C LEU C 121 34.87 18.24 6.20
N ARG C 122 35.47 19.43 6.20
CA ARG C 122 35.51 20.26 7.41
C ARG C 122 34.05 20.50 7.84
N ALA C 123 33.22 20.81 6.85
CA ALA C 123 31.81 21.07 7.08
C ALA C 123 31.15 19.93 7.83
N ALA C 124 31.38 18.70 7.38
CA ALA C 124 30.78 17.51 7.99
C ALA C 124 31.25 17.22 9.42
N GLN C 125 32.55 17.29 9.68
CA GLN C 125 33.10 17.04 11.02
C GLN C 125 32.55 18.07 12.03
N ASN C 126 32.57 19.32 11.60
CA ASN C 126 32.08 20.43 12.42
C ASN C 126 30.59 20.26 12.68
N LEU C 127 29.88 19.70 11.71
CA LEU C 127 28.44 19.48 11.87
C LEU C 127 28.23 18.51 13.01
N LEU C 128 29.02 17.44 13.00
CA LEU C 128 28.95 16.43 14.06
C LEU C 128 29.36 17.03 15.40
N ALA C 129 30.43 17.82 15.43
CA ALA C 129 30.87 18.45 16.67
C ALA C 129 29.69 19.22 17.27
N CYS C 130 29.06 20.03 16.41
CA CYS C 130 27.88 20.85 16.68
C CYS C 130 26.82 20.01 17.38
N GLY C 131 26.40 18.96 16.66
CA GLY C 131 25.40 18.04 17.15
C GLY C 131 25.72 17.45 18.51
N VAL C 132 27.00 17.41 18.86
CA VAL C 132 27.40 16.86 20.13
C VAL C 132 27.21 17.94 21.19
N ALA C 133 27.63 19.16 20.87
CA ALA C 133 27.49 20.27 21.80
C ALA C 133 26.02 20.47 22.16
N LEU C 134 25.15 20.28 21.19
CA LEU C 134 23.71 20.44 21.42
C LEU C 134 23.10 19.29 22.17
N GLY C 135 23.76 18.14 22.13
CA GLY C 135 23.26 16.97 22.82
C GLY C 135 22.41 16.11 21.91
N ALA C 136 22.33 16.52 20.65
CA ALA C 136 21.55 15.80 19.66
C ALA C 136 22.20 14.43 19.39
N LEU C 137 23.53 14.40 19.41
CA LEU C 137 24.30 13.18 19.21
C LEU C 137 24.97 12.80 20.52
N ARG C 138 25.34 11.54 20.67
CA ARG C 138 26.04 11.12 21.86
C ARG C 138 27.43 11.61 21.65
N SER C 139 28.14 11.93 22.72
CA SER C 139 29.51 12.40 22.58
C SER C 139 30.32 11.26 21.97
N ASN C 140 29.93 10.01 22.28
CA ASN C 140 30.61 8.83 21.76
C ASN C 140 29.83 8.19 20.61
N TYR C 141 29.28 9.02 19.74
CA TYR C 141 28.50 8.49 18.62
C TYR C 141 29.37 7.70 17.66
N GLU C 142 28.75 6.78 16.93
CA GLU C 142 29.46 5.94 15.97
C GLU C 142 29.05 6.28 14.54
N VAL C 143 30.04 6.36 13.66
CA VAL C 143 29.80 6.65 12.26
C VAL C 143 29.85 5.37 11.44
N LYS C 144 28.84 5.16 10.61
CA LYS C 144 28.83 4.01 9.70
C LYS C 144 28.80 4.64 8.32
N GLY C 145 29.23 3.88 7.34
CA GLY C 145 29.16 4.33 5.96
C GLY C 145 27.86 3.71 5.47
N HIS C 146 27.22 4.34 4.49
CA HIS C 146 25.97 3.81 3.97
C HIS C 146 26.03 2.33 3.58
N ARG C 147 27.07 1.95 2.84
CA ARG C 147 27.23 0.56 2.42
C ARG C 147 27.42 -0.41 3.59
N ASP C 148 27.75 0.10 4.78
CA ASP C 148 27.94 -0.77 5.93
C ASP C 148 26.61 -1.25 6.48
N VAL C 149 25.52 -0.62 6.09
CA VAL C 149 24.22 -1.01 6.64
C VAL C 149 23.18 -1.36 5.59
N GLN C 150 23.48 -1.08 4.33
CA GLN C 150 22.56 -1.37 3.25
C GLN C 150 23.40 -1.65 2.01
N PRO C 151 22.86 -2.45 1.08
CA PRO C 151 23.70 -2.71 -0.09
C PRO C 151 23.65 -1.53 -1.04
N THR C 152 24.73 -0.78 -1.09
CA THR C 152 24.81 0.37 -1.97
C THR C 152 26.26 0.73 -2.22
N LEU C 153 26.51 1.46 -3.30
CA LEU C 153 27.85 1.88 -3.61
C LEU C 153 28.16 3.07 -2.71
N SER C 154 27.11 3.65 -2.15
CA SER C 154 27.16 4.79 -1.24
C SER C 154 28.10 4.50 -0.06
N PRO C 155 28.88 5.51 0.37
CA PRO C 155 29.04 6.89 -0.09
C PRO C 155 30.02 7.18 -1.22
N GLY C 156 30.38 6.17 -2.01
CA GLY C 156 31.37 6.36 -3.06
C GLY C 156 32.64 5.79 -2.48
N ASP C 157 33.57 5.33 -3.31
CA ASP C 157 34.79 4.72 -2.82
C ASP C 157 35.83 5.58 -2.14
N ARG C 158 36.18 6.71 -2.73
CA ARG C 158 37.21 7.53 -2.09
C ARG C 158 36.67 8.16 -0.80
N LEU C 159 35.38 8.50 -0.80
CA LEU C 159 34.76 9.06 0.40
C LEU C 159 34.69 7.95 1.44
N TYR C 160 34.29 6.76 1.02
CA TYR C 160 34.19 5.62 1.92
C TYR C 160 35.55 5.42 2.59
N GLU C 161 36.57 5.52 1.75
CA GLU C 161 37.94 5.36 2.16
C GLU C 161 38.23 6.32 3.30
N ILE C 162 37.91 7.59 3.12
CA ILE C 162 38.17 8.61 4.10
C ILE C 162 37.48 8.47 5.42
N ILE C 163 36.21 8.14 5.46
CA ILE C 163 35.50 8.01 6.72
C ILE C 163 35.89 6.82 7.52
N GLN C 164 36.57 5.89 6.88
CA GLN C 164 37.04 4.68 7.56
C GLN C 164 38.19 5.03 8.50
N THR C 165 38.92 6.09 8.14
CA THR C 165 40.03 6.55 8.96
C THR C 165 39.51 7.31 10.18
N TRP C 166 38.42 8.04 10.00
CA TRP C 166 37.79 8.86 11.05
C TRP C 166 37.69 8.30 12.47
N SER C 167 38.00 9.16 13.45
CA SER C 167 37.94 8.78 14.86
C SER C 167 36.68 8.00 15.29
N HIS C 168 35.50 8.54 15.00
CA HIS C 168 34.25 7.89 15.41
C HIS C 168 33.75 6.73 14.58
N TYR C 169 34.46 6.42 13.50
CA TYR C 169 34.08 5.31 12.64
C TYR C 169 34.09 4.01 13.46
N ARG C 170 33.20 3.08 13.10
CA ARG C 170 33.13 1.80 13.80
C ARG C 170 32.76 0.60 12.89
N ALA C 171 33.70 -0.34 12.82
CA ALA C 171 33.59 -1.59 12.05
C ALA C 171 32.39 -1.81 11.12
N GLU D 1 -0.24 -27.13 -22.00
CA GLU D 1 -1.27 -28.22 -21.96
C GLU D 1 -1.22 -29.03 -20.66
N ASP D 2 -0.08 -28.98 -19.96
CA ASP D 2 0.08 -29.65 -18.66
C ASP D 2 0.97 -28.85 -17.68
N PRO D 3 0.69 -28.98 -16.36
CA PRO D 3 1.26 -28.20 -15.24
C PRO D 3 2.71 -27.67 -15.33
N PRO D 4 3.73 -28.49 -14.97
CA PRO D 4 5.05 -27.90 -14.70
C PRO D 4 5.76 -27.40 -15.96
N ALA D 5 5.60 -26.11 -16.26
CA ALA D 5 6.08 -25.57 -17.53
C ALA D 5 6.57 -24.12 -17.47
N CYS D 6 7.78 -23.91 -16.94
CA CYS D 6 8.45 -22.60 -17.05
C CYS D 6 9.87 -22.49 -16.48
N GLY D 7 10.60 -21.51 -17.02
CA GLY D 7 11.88 -21.04 -16.69
C GLY D 7 12.92 -21.73 -15.86
N SER D 8 14.15 -21.82 -16.40
CA SER D 8 15.24 -22.45 -15.66
C SER D 8 16.07 -21.58 -14.76
N ILE D 9 16.12 -22.03 -13.51
CA ILE D 9 16.79 -21.35 -12.41
C ILE D 9 17.88 -22.20 -11.75
N VAL D 10 19.03 -21.57 -11.49
CA VAL D 10 20.13 -22.27 -10.85
C VAL D 10 19.72 -22.28 -9.39
N PRO D 11 19.47 -23.46 -8.83
CA PRO D 11 19.07 -23.47 -7.42
C PRO D 11 20.17 -23.11 -6.43
N ARG D 12 19.75 -22.81 -5.21
CA ARG D 12 20.68 -22.43 -4.15
C ARG D 12 21.86 -23.39 -4.03
N ARG D 13 21.62 -24.66 -3.69
CA ARG D 13 22.73 -25.59 -3.57
C ARG D 13 23.64 -25.54 -4.79
N GLU D 14 23.07 -25.52 -5.99
CA GLU D 14 23.92 -25.47 -7.17
C GLU D 14 24.90 -24.31 -7.14
N TRP D 15 24.53 -23.19 -6.53
CA TRP D 15 25.50 -22.10 -6.47
C TRP D 15 26.15 -21.97 -5.09
N ARG D 16 25.78 -22.87 -4.18
CA ARG D 16 26.33 -22.93 -2.82
C ARG D 16 25.91 -21.87 -1.83
N ALA D 17 24.73 -21.30 -2.01
CA ALA D 17 24.21 -20.28 -1.11
C ALA D 17 24.38 -20.75 0.33
N LEU D 18 24.39 -19.81 1.26
CA LEU D 18 24.48 -20.20 2.66
C LEU D 18 23.03 -20.48 2.98
N ALA D 19 22.76 -21.34 3.95
CA ALA D 19 21.36 -21.66 4.22
C ALA D 19 20.60 -20.39 4.58
N SER D 20 19.53 -20.15 3.83
CA SER D 20 18.72 -18.98 4.09
C SER D 20 18.20 -19.13 5.51
N GLU D 21 17.68 -18.05 6.09
CA GLU D 21 17.18 -18.14 7.46
C GLU D 21 15.99 -17.23 7.64
N CYS D 22 15.66 -16.54 6.56
CA CYS D 22 14.53 -15.63 6.51
C CYS D 22 13.22 -16.41 6.55
N ARG D 23 12.30 -16.01 7.42
CA ARG D 23 11.02 -16.69 7.53
C ARG D 23 9.80 -15.96 6.92
N GLU D 24 9.78 -14.63 7.00
CA GLU D 24 8.65 -13.84 6.49
C GLU D 24 8.27 -14.11 5.05
N ARG D 25 6.97 -14.34 4.83
CA ARG D 25 6.45 -14.67 3.50
C ARG D 25 5.65 -13.63 2.74
N LEU D 26 5.80 -13.66 1.43
CA LEU D 26 5.06 -12.77 0.58
C LEU D 26 3.74 -13.50 0.44
N THR D 27 2.72 -12.78 0.01
CA THR D 27 1.40 -13.34 -0.18
C THR D 27 1.21 -13.45 -1.68
N ARG D 28 0.82 -14.61 -2.20
CA ARG D 28 0.62 -14.74 -3.64
C ARG D 28 -0.85 -14.60 -4.03
N PRO D 29 -1.12 -14.08 -5.23
CA PRO D 29 -0.13 -13.62 -6.20
C PRO D 29 0.38 -12.21 -5.91
N VAL D 30 1.68 -12.03 -6.15
CA VAL D 30 2.35 -10.76 -5.93
C VAL D 30 2.08 -9.79 -7.10
N ARG D 31 1.87 -8.51 -6.78
CA ARG D 31 1.57 -7.52 -7.82
C ARG D 31 2.76 -6.78 -8.43
N TYR D 32 3.84 -6.60 -7.65
CA TYR D 32 4.99 -5.84 -8.14
C TYR D 32 6.34 -6.53 -8.24
N VAL D 33 7.06 -6.15 -9.29
CA VAL D 33 8.40 -6.65 -9.51
C VAL D 33 9.31 -5.42 -9.48
N VAL D 34 10.34 -5.43 -8.64
CA VAL D 34 11.25 -4.30 -8.62
C VAL D 34 12.61 -4.74 -9.20
N VAL D 35 13.02 -4.05 -10.25
CA VAL D 35 14.26 -4.35 -10.95
C VAL D 35 15.45 -3.53 -10.48
N SER D 36 16.47 -4.24 -10.03
CA SER D 36 17.69 -3.59 -9.56
C SER D 36 18.93 -4.25 -10.17
N HIS D 37 19.99 -3.59 -10.11
CA HIS D 37 21.25 -4.20 -10.47
C HIS D 37 22.15 -4.19 -9.24
N THR D 38 23.10 -5.13 -9.18
CA THR D 38 23.97 -5.27 -8.03
C THR D 38 24.81 -4.02 -7.78
N ALA D 39 25.20 -3.36 -8.87
CA ALA D 39 26.04 -2.17 -8.78
C ALA D 39 27.49 -2.56 -8.65
N GLY D 40 27.73 -3.87 -8.66
CA GLY D 40 29.09 -4.40 -8.66
C GLY D 40 29.52 -4.83 -10.04
N SER D 41 30.28 -5.92 -10.10
CA SER D 41 30.78 -6.45 -11.36
C SER D 41 29.83 -7.49 -11.95
N HIS D 42 29.94 -7.69 -13.26
CA HIS D 42 29.13 -8.72 -13.99
C HIS D 42 29.91 -10.04 -14.02
N CYS D 43 29.36 -11.01 -14.74
CA CYS D 43 29.96 -12.33 -14.88
C CYS D 43 29.32 -12.89 -16.14
N ASP D 44 29.97 -13.87 -16.77
CA ASP D 44 29.40 -14.43 -17.99
C ASP D 44 29.67 -15.90 -18.23
N THR D 45 29.75 -16.67 -17.16
CA THR D 45 29.96 -18.10 -17.22
C THR D 45 29.23 -18.66 -16.01
N PRO D 46 28.65 -19.86 -16.14
CA PRO D 46 27.94 -20.43 -15.00
C PRO D 46 28.89 -20.45 -13.81
N ALA D 47 30.17 -20.62 -14.10
CA ALA D 47 31.23 -20.69 -13.11
C ALA D 47 31.43 -19.36 -12.36
N SER D 48 31.60 -18.27 -13.11
CA SER D 48 31.81 -16.97 -12.47
C SER D 48 30.54 -16.48 -11.81
N CYS D 49 29.45 -16.45 -12.56
CA CYS D 49 28.17 -15.98 -12.04
C CYS D 49 27.79 -16.68 -10.74
N ALA D 50 28.03 -17.99 -10.61
CA ALA D 50 27.66 -18.68 -9.37
C ALA D 50 28.57 -18.24 -8.23
N GLN D 51 29.68 -17.64 -8.63
CA GLN D 51 30.70 -17.13 -7.73
C GLN D 51 30.18 -15.75 -7.33
N GLN D 52 29.71 -15.04 -8.34
CA GLN D 52 29.14 -13.72 -8.20
C GLN D 52 28.07 -13.80 -7.13
N ALA D 53 27.10 -14.68 -7.35
CA ALA D 53 25.99 -14.92 -6.44
C ALA D 53 26.44 -15.01 -4.98
N GLN D 54 27.40 -15.88 -4.72
CA GLN D 54 27.94 -16.10 -3.38
C GLN D 54 28.41 -14.81 -2.73
N ASN D 55 29.26 -14.08 -3.44
CA ASN D 55 29.81 -12.82 -2.94
C ASN D 55 28.69 -11.93 -2.42
N VAL D 56 27.80 -11.57 -3.35
CA VAL D 56 26.65 -10.74 -3.07
C VAL D 56 25.99 -11.21 -1.79
N GLN D 57 25.76 -12.53 -1.73
CA GLN D 57 25.12 -13.09 -0.57
C GLN D 57 26.00 -12.88 0.66
N SER D 58 27.30 -13.02 0.49
CA SER D 58 28.24 -12.85 1.60
C SER D 58 28.09 -11.45 2.19
N TYR D 59 28.10 -10.44 1.32
CA TYR D 59 27.95 -9.05 1.76
C TYR D 59 26.67 -8.93 2.56
N HIS D 60 25.54 -9.25 1.95
CA HIS D 60 24.25 -9.16 2.62
C HIS D 60 24.14 -10.00 3.89
N VAL D 61 24.86 -11.11 3.97
CA VAL D 61 24.75 -11.94 5.17
C VAL D 61 25.87 -11.77 6.16
N ARG D 62 27.09 -11.66 5.68
CA ARG D 62 28.16 -11.43 6.63
C ARG D 62 28.08 -9.95 7.00
N ASN D 63 28.51 -9.10 6.08
CA ASN D 63 28.56 -7.66 6.26
C ASN D 63 27.33 -6.86 6.72
N LEU D 64 26.14 -7.08 6.15
CA LEU D 64 24.96 -6.32 6.58
C LEU D 64 24.25 -7.13 7.64
N GLY D 65 24.73 -8.37 7.80
CA GLY D 65 24.17 -9.27 8.79
C GLY D 65 22.74 -9.72 8.51
N TRP D 66 22.33 -9.72 7.25
CA TRP D 66 20.97 -10.15 6.91
C TRP D 66 20.78 -11.65 6.93
N CYS D 67 19.51 -12.07 6.94
CA CYS D 67 19.12 -13.48 6.98
C CYS D 67 19.29 -14.30 5.69
N ASP D 68 19.66 -13.64 4.59
CA ASP D 68 19.86 -14.32 3.31
C ASP D 68 20.00 -13.22 2.27
N VAL D 69 20.59 -13.53 1.12
CA VAL D 69 20.75 -12.50 0.10
C VAL D 69 19.46 -11.70 -0.02
N GLY D 70 19.57 -10.39 -0.20
CA GLY D 70 18.41 -9.53 -0.29
C GLY D 70 17.43 -9.77 -1.42
N TYR D 71 17.93 -9.97 -2.64
CA TYR D 71 17.05 -10.19 -3.79
C TYR D 71 16.35 -11.56 -3.76
N ASN D 72 15.28 -11.67 -4.54
CA ASN D 72 14.50 -12.90 -4.65
C ASN D 72 15.09 -13.73 -5.79
N PHE D 73 15.72 -13.05 -6.74
CA PHE D 73 16.35 -13.68 -7.90
C PHE D 73 17.41 -12.79 -8.52
N LEU D 74 18.53 -13.37 -8.94
CA LEU D 74 19.57 -12.59 -9.61
C LEU D 74 19.75 -13.11 -11.04
N ILE D 75 20.01 -12.20 -11.97
CA ILE D 75 20.24 -12.58 -13.36
C ILE D 75 21.73 -12.40 -13.58
N GLY D 76 22.37 -13.40 -14.16
CA GLY D 76 23.79 -13.28 -14.41
C GLY D 76 23.86 -13.02 -15.89
N GLU D 77 24.99 -12.52 -16.38
CA GLU D 77 25.08 -12.32 -17.83
C GLU D 77 25.47 -13.65 -18.48
N ASP D 78 25.54 -14.70 -17.66
CA ASP D 78 25.85 -16.03 -18.17
C ASP D 78 24.58 -16.54 -18.86
N GLY D 79 23.48 -15.82 -18.61
CA GLY D 79 22.20 -16.15 -19.22
C GLY D 79 21.29 -16.94 -18.30
N LEU D 80 21.73 -17.12 -17.06
CA LEU D 80 20.94 -17.86 -16.09
C LEU D 80 20.39 -17.04 -14.94
N VAL D 81 19.35 -17.60 -14.34
CA VAL D 81 18.70 -16.98 -13.21
C VAL D 81 19.16 -17.72 -11.96
N TYR D 82 19.65 -16.98 -11.01
CA TYR D 82 20.13 -17.56 -9.77
C TYR D 82 19.06 -17.41 -8.73
N GLU D 83 18.64 -18.53 -8.18
CA GLU D 83 17.60 -18.51 -7.18
C GLU D 83 18.03 -17.56 -6.07
N GLY D 84 17.20 -16.56 -5.81
CA GLY D 84 17.47 -15.63 -4.75
C GLY D 84 16.70 -16.13 -3.54
N ARG D 85 15.72 -15.37 -3.08
CA ARG D 85 14.93 -15.77 -1.93
C ARG D 85 13.65 -16.47 -2.34
N GLY D 86 13.52 -16.75 -3.63
CA GLY D 86 12.32 -17.44 -4.09
C GLY D 86 11.13 -16.52 -4.33
N TRP D 87 10.01 -17.12 -4.75
CA TRP D 87 8.75 -16.42 -5.02
C TRP D 87 7.93 -16.20 -3.76
N ASN D 88 8.33 -16.85 -2.66
CA ASN D 88 7.53 -16.79 -1.44
C ASN D 88 8.10 -16.12 -0.21
N ILE D 89 9.35 -15.69 -0.25
CA ILE D 89 9.97 -15.03 0.90
C ILE D 89 10.26 -13.55 0.68
N LYS D 90 9.72 -12.71 1.58
CA LYS D 90 9.93 -11.27 1.49
C LYS D 90 11.43 -11.01 1.42
N GLY D 91 11.86 -10.19 0.47
CA GLY D 91 13.28 -9.89 0.35
C GLY D 91 13.58 -8.52 0.92
N ALA D 92 14.83 -8.12 0.84
CA ALA D 92 15.28 -6.81 1.30
C ALA D 92 16.04 -6.22 0.12
N HIS D 93 15.31 -5.54 -0.74
CA HIS D 93 15.89 -4.98 -1.95
C HIS D 93 15.29 -3.63 -2.33
N ALA D 94 14.24 -3.21 -1.62
CA ALA D 94 13.59 -1.93 -1.95
C ALA D 94 12.94 -1.14 -0.81
N GLY D 95 13.40 -1.33 0.42
CA GLY D 95 12.78 -0.59 1.50
C GLY D 95 11.54 -1.29 1.95
N PRO D 96 11.00 -0.95 3.14
CA PRO D 96 9.80 -1.56 3.73
C PRO D 96 8.42 -1.34 3.13
N THR D 97 8.28 -0.43 2.19
CA THR D 97 6.96 -0.26 1.59
C THR D 97 6.79 -1.31 0.50
N TRP D 98 7.87 -1.58 -0.20
CA TRP D 98 7.82 -2.55 -1.26
C TRP D 98 8.31 -3.94 -0.93
N ASN D 99 9.22 -4.09 0.02
CA ASN D 99 9.69 -5.43 0.31
C ASN D 99 8.51 -6.40 0.56
N PRO D 100 7.50 -5.99 1.34
CA PRO D 100 6.41 -6.96 1.53
C PRO D 100 5.40 -7.13 0.38
N ILE D 101 5.58 -6.42 -0.74
CA ILE D 101 4.61 -6.60 -1.84
C ILE D 101 5.20 -6.72 -3.24
N SER D 102 6.46 -7.07 -3.36
CA SER D 102 7.17 -7.13 -4.60
C SER D 102 8.01 -8.34 -4.66
N ILE D 103 8.44 -8.67 -5.85
CA ILE D 103 9.42 -9.67 -6.05
C ILE D 103 10.59 -8.86 -6.54
N GLY D 104 11.76 -9.01 -5.95
CA GLY D 104 12.86 -8.22 -6.42
C GLY D 104 13.94 -8.97 -7.16
N ILE D 105 14.24 -8.55 -8.36
CA ILE D 105 15.18 -9.24 -9.23
C ILE D 105 16.32 -8.30 -9.54
N SER D 106 17.53 -8.81 -9.42
CA SER D 106 18.72 -7.99 -9.62
C SER D 106 19.64 -8.55 -10.71
N PHE D 107 20.03 -7.71 -11.67
CA PHE D 107 20.97 -8.14 -12.69
C PHE D 107 22.33 -8.01 -12.03
N MET D 108 23.20 -8.98 -12.24
CA MET D 108 24.51 -8.91 -11.61
C MET D 108 25.51 -8.11 -12.47
N GLY D 109 25.68 -6.85 -12.11
CA GLY D 109 26.57 -5.96 -12.81
C GLY D 109 26.25 -4.51 -12.48
N ASN D 110 26.69 -3.60 -13.33
CA ASN D 110 26.45 -2.17 -13.16
C ASN D 110 26.05 -1.74 -14.55
N TYR D 111 24.83 -1.22 -14.70
CA TYR D 111 24.34 -0.87 -16.03
C TYR D 111 24.07 0.61 -16.31
N MET D 112 24.89 1.47 -15.71
CA MET D 112 24.79 2.92 -15.88
C MET D 112 25.18 3.37 -17.30
N ASN D 113 26.33 2.86 -17.74
CA ASN D 113 26.89 3.17 -19.04
C ASN D 113 26.85 1.95 -19.96
N ARG D 114 26.67 0.78 -19.35
CA ARG D 114 26.61 -0.51 -20.04
C ARG D 114 25.22 -1.18 -19.98
N VAL D 115 24.83 -1.88 -21.04
CA VAL D 115 23.55 -2.60 -21.02
C VAL D 115 23.88 -4.09 -20.91
N PRO D 116 22.94 -4.88 -20.37
CA PRO D 116 23.13 -6.32 -20.22
C PRO D 116 22.82 -6.97 -21.57
N PRO D 117 23.36 -8.18 -21.82
CA PRO D 117 23.13 -8.86 -23.10
C PRO D 117 21.77 -9.53 -23.33
N PRO D 118 21.39 -9.67 -24.61
CA PRO D 118 20.11 -10.29 -24.94
C PRO D 118 19.69 -11.42 -24.01
N ARG D 119 20.59 -12.35 -23.74
CA ARG D 119 20.24 -13.48 -22.87
C ARG D 119 19.85 -13.16 -21.44
N ALA D 120 20.51 -12.20 -20.79
CA ALA D 120 20.11 -11.85 -19.43
C ALA D 120 18.73 -11.22 -19.60
N LEU D 121 18.58 -10.37 -20.60
CA LEU D 121 17.28 -9.78 -20.82
C LEU D 121 16.25 -10.88 -21.05
N ARG D 122 16.64 -12.00 -21.70
CA ARG D 122 15.65 -13.07 -21.93
C ARG D 122 15.38 -13.90 -20.68
N ALA D 123 16.40 -14.15 -19.87
CA ALA D 123 16.25 -14.91 -18.64
C ALA D 123 15.28 -14.20 -17.72
N ALA D 124 15.36 -12.87 -17.69
CA ALA D 124 14.52 -12.04 -16.85
C ALA D 124 13.08 -12.06 -17.27
N GLN D 125 12.82 -11.90 -18.56
CA GLN D 125 11.45 -11.89 -19.04
C GLN D 125 10.78 -13.24 -19.13
N ASN D 126 11.61 -14.25 -18.87
CA ASN D 126 11.23 -15.65 -18.88
C ASN D 126 10.84 -15.98 -17.44
N LEU D 127 11.60 -15.42 -16.51
CA LEU D 127 11.40 -15.59 -15.07
C LEU D 127 10.04 -15.02 -14.69
N LEU D 128 9.71 -13.89 -15.32
CA LEU D 128 8.46 -13.21 -15.09
C LEU D 128 7.31 -13.98 -15.70
N ALA D 129 7.44 -14.36 -16.98
CA ALA D 129 6.40 -15.14 -17.63
C ALA D 129 6.13 -16.35 -16.73
N CYS D 130 7.25 -16.94 -16.13
CA CYS D 130 7.21 -18.13 -15.28
C CYS D 130 6.52 -17.85 -13.94
N GLY D 131 6.78 -16.67 -13.38
CA GLY D 131 6.18 -16.24 -12.10
C GLY D 131 4.68 -16.14 -12.22
N VAL D 132 4.23 -15.76 -13.42
CA VAL D 132 2.83 -15.61 -13.73
C VAL D 132 2.19 -16.99 -13.87
N ALA D 133 2.86 -17.90 -14.57
CA ALA D 133 2.36 -19.25 -14.78
C ALA D 133 2.19 -20.01 -13.47
N LEU D 134 3.04 -19.69 -12.50
CA LEU D 134 2.97 -20.35 -11.20
C LEU D 134 1.94 -19.70 -10.30
N GLY D 135 1.53 -18.51 -10.72
CA GLY D 135 0.59 -17.74 -9.94
C GLY D 135 1.38 -17.17 -8.76
N ALA D 136 2.66 -16.91 -8.99
CA ALA D 136 3.49 -16.32 -7.97
C ALA D 136 3.34 -14.82 -8.13
N LEU D 137 3.09 -14.39 -9.36
CA LEU D 137 2.90 -12.99 -9.70
C LEU D 137 1.51 -12.80 -10.31
N ARG D 138 0.89 -11.65 -10.05
CA ARG D 138 -0.41 -11.40 -10.65
C ARG D 138 -0.17 -11.41 -12.16
N SER D 139 -1.20 -11.74 -12.92
CA SER D 139 -1.07 -11.77 -14.38
C SER D 139 -0.81 -10.38 -14.91
N ASN D 140 -1.37 -9.38 -14.24
CA ASN D 140 -1.19 -7.99 -14.64
C ASN D 140 -0.29 -7.28 -13.64
N TYR D 141 0.84 -7.89 -13.31
CA TYR D 141 1.76 -7.31 -12.34
C TYR D 141 2.44 -6.10 -12.95
N GLU D 142 3.09 -5.32 -12.10
CA GLU D 142 3.80 -4.12 -12.54
C GLU D 142 5.27 -4.19 -12.22
N VAL D 143 6.08 -3.63 -13.12
CA VAL D 143 7.51 -3.60 -12.95
C VAL D 143 7.95 -2.17 -12.73
N LYS D 144 8.74 -1.98 -11.68
CA LYS D 144 9.27 -0.68 -11.32
C LYS D 144 10.77 -0.78 -11.43
N GLY D 145 11.40 0.38 -11.57
CA GLY D 145 12.84 0.45 -11.59
C GLY D 145 13.13 0.70 -10.12
N HIS D 146 14.25 0.23 -9.61
CA HIS D 146 14.61 0.43 -8.21
C HIS D 146 14.53 1.94 -7.89
N ARG D 147 15.16 2.76 -8.72
CA ARG D 147 15.18 4.21 -8.54
C ARG D 147 13.77 4.82 -8.53
N ASP D 148 12.78 4.04 -8.94
CA ASP D 148 11.41 4.52 -8.95
C ASP D 148 10.78 4.45 -7.58
N VAL D 149 11.39 3.68 -6.68
CA VAL D 149 10.85 3.52 -5.34
C VAL D 149 11.83 3.71 -4.19
N GLN D 150 13.07 4.03 -4.52
CA GLN D 150 14.11 4.26 -3.53
C GLN D 150 15.07 5.23 -4.18
N PRO D 151 15.80 6.00 -3.38
CA PRO D 151 16.74 6.92 -4.03
C PRO D 151 17.99 6.06 -4.32
N THR D 152 18.33 5.95 -5.59
CA THR D 152 19.47 5.13 -6.02
C THR D 152 19.53 5.23 -7.53
N LEU D 153 20.68 4.89 -8.10
CA LEU D 153 20.87 4.94 -9.54
C LEU D 153 20.43 3.59 -10.04
N SER D 154 20.28 2.64 -9.15
CA SER D 154 19.89 1.31 -9.53
C SER D 154 18.57 1.38 -10.17
N PRO D 155 18.39 0.79 -11.35
CA PRO D 155 19.23 -0.20 -12.02
C PRO D 155 20.25 0.27 -13.09
N GLY D 156 20.67 1.51 -13.13
CA GLY D 156 21.56 2.00 -14.19
C GLY D 156 20.81 2.53 -15.39
N ASP D 157 21.17 3.72 -15.86
CA ASP D 157 20.50 4.36 -16.99
C ASP D 157 20.16 3.45 -18.15
N ARG D 158 21.18 2.76 -18.65
CA ARG D 158 20.98 1.88 -19.78
C ARG D 158 19.91 0.84 -19.47
N LEU D 159 20.07 0.11 -18.36
CA LEU D 159 19.04 -0.88 -18.02
C LEU D 159 17.70 -0.23 -17.73
N TYR D 160 17.68 0.80 -16.87
CA TYR D 160 16.44 1.48 -16.51
C TYR D 160 15.71 1.85 -17.78
N GLU D 161 16.45 2.45 -18.70
CA GLU D 161 15.93 2.87 -19.98
C GLU D 161 15.20 1.69 -20.62
N ILE D 162 15.87 0.53 -20.64
CA ILE D 162 15.30 -0.67 -21.24
C ILE D 162 14.00 -1.18 -20.60
N ILE D 163 13.98 -1.36 -19.28
CA ILE D 163 12.77 -1.88 -18.66
C ILE D 163 11.54 -0.99 -18.88
N GLN D 164 11.78 0.29 -19.15
CA GLN D 164 10.69 1.21 -19.35
C GLN D 164 9.86 0.87 -20.57
N THR D 165 10.48 0.14 -21.50
CA THR D 165 9.81 -0.28 -22.72
C THR D 165 8.93 -1.50 -22.46
N TRP D 166 9.24 -2.20 -21.36
CA TRP D 166 8.52 -3.41 -20.97
C TRP D 166 7.00 -3.36 -20.78
N SER D 167 6.35 -4.39 -21.31
CA SER D 167 4.92 -4.57 -21.26
C SER D 167 4.33 -4.24 -19.89
N HIS D 168 4.93 -4.74 -18.82
CA HIS D 168 4.41 -4.48 -17.47
C HIS D 168 5.07 -3.30 -16.75
N TYR D 169 5.70 -2.37 -17.46
CA TYR D 169 6.31 -1.25 -16.75
C TYR D 169 5.25 -0.21 -16.39
N ARG D 170 5.17 0.09 -15.10
CA ARG D 170 4.24 1.10 -14.68
C ARG D 170 4.97 2.20 -13.95
N ALA D 171 5.08 3.30 -14.67
CA ALA D 171 5.76 4.52 -14.25
C ALA D 171 5.28 5.03 -12.90
C1 SGN E . 11.49 3.61 6.71
C2 SGN E . 11.85 3.51 5.22
C3 SGN E . 11.19 4.55 4.31
C4 SGN E . 9.78 4.95 4.75
C5 SGN E . 9.72 5.14 6.26
C6 SGN E . 8.34 5.58 6.78
N2 SGN E . 13.29 3.48 5.04
O1 SGN E . 12.31 4.60 7.37
O3 SGN E . 11.06 3.96 3.00
O4 SGN E . 9.32 6.09 4.05
O5 SGN E . 10.09 3.90 6.87
O6 SGN E . 8.55 6.05 8.14
S1 SGN E . 13.98 3.98 3.66
O1S SGN E . 13.60 5.40 3.43
O2S SGN E . 15.47 3.96 3.77
O3S SGN E . 13.44 3.17 2.52
S2 SGN E . 7.44 6.82 8.97
O4S SGN E . 6.62 5.88 9.82
O5S SGN E . 8.11 7.83 9.84
O6S SGN E . 6.57 7.61 8.04
S UAP E . 5.02 4.91 3.79
C1 UAP E . 8.28 5.73 3.12
C2 UAP E . 7.01 6.54 3.43
O2 UAP E . 6.16 5.81 4.34
C3 UAP E . 6.22 6.89 2.18
O3 UAP E . 6.68 8.17 1.71
C4 UAP E . 6.41 5.82 1.12
C5 UAP E . 7.66 5.53 0.76
O5 UAP E . 8.69 5.87 1.76
C6 UAP E . 7.96 4.94 -0.57
O1S UAP E . 4.08 6.00 3.40
O2S UAP E . 4.82 3.81 2.81
O3S UAP E . 4.66 4.51 5.17
O6B UAP E . 9.11 4.51 -0.84
O6A UAP E . 7.07 4.89 -1.45
C1 GOL F . -16.03 24.78 15.20
O1 GOL F . -16.42 26.07 14.75
C2 GOL F . -14.78 24.34 14.43
O2 GOL F . -13.69 25.14 14.80
C3 GOL F . -14.48 22.88 14.76
O3 GOL F . -13.38 22.44 13.99
O1 TLA G . 23.15 1.22 -7.01
O11 TLA G . 24.02 2.04 -8.72
C1 TLA G . 23.97 1.94 -7.52
C2 TLA G . 24.91 2.68 -6.66
O2 TLA G . 24.66 2.34 -5.33
C3 TLA G . 24.66 4.16 -6.81
O3 TLA G . 23.39 4.40 -6.28
C4 TLA G . 25.55 4.96 -5.95
O4 TLA G . 25.08 5.30 -4.89
O41 TLA G . 26.66 5.30 -6.32
C1 GOL H . 22.98 -1.65 -5.66
O1 GOL H . 24.03 -0.96 -5.03
C2 GOL H . 21.87 -1.93 -4.67
O2 GOL H . 21.43 -0.71 -4.09
C3 GOL H . 20.69 -2.60 -5.37
O3 GOL H . 19.95 -3.35 -4.44
#